data_7MGX
#
_entry.id   7MGX
#
_cell.length_a   50.910
_cell.length_b   75.070
_cell.length_c   111.430
_cell.angle_alpha   92.030
_cell.angle_beta   90.330
_cell.angle_gamma   109.200
#
_symmetry.space_group_name_H-M   'P 1'
#
loop_
_entity.id
_entity.type
_entity.pdbx_description
1 polymer 'Multidrug transporter EmrE'
2 polymer 'L10 Monobody'
3 non-polymer "1,1'-dimethyl-4,4'-bipyridin-1-ium"
#
loop_
_entity_poly.entity_id
_entity_poly.type
_entity_poly.pdbx_seq_one_letter_code
_entity_poly.pdbx_strand_id
1 'polypeptide(L)'
;MNPYIYLGGAILAEVIGTTLMKFSNGFTRLIPSMGTIICYCASFWLLAQTLAYIPTGIAYAIWSGVGIVLISLLSWGFFG
QRLDLPAIIGMMLICAGVLIINLLSRSTPH
;
A,E,B,F
2 'polypeptide(L)'
;VSSVPTKLEVVAATPTSLLISWDAGHWWEWVTYYRITYGETGGNSPVQEFTVPGYSSTATISGLKPGVDYTITVYAPTSD
YGSPISINYRT
;
C,G,D,H
#
loop_
_chem_comp.id
_chem_comp.type
_chem_comp.name
_chem_comp.formula
KHJ non-polymer 1,1'-dimethyl-4,4'-bipyridin-1-ium 'C12 H14 N2 2'
#
# COMPACT_ATOMS: atom_id res chain seq x y z
N ASN A 2 -11.79 2.62 38.87
CA ASN A 2 -11.13 2.80 37.57
C ASN A 2 -9.61 2.55 37.61
N PRO A 3 -8.92 2.94 38.70
CA PRO A 3 -7.52 2.50 38.84
C PRO A 3 -7.35 0.99 38.71
N TYR A 4 -8.20 0.21 39.37
CA TYR A 4 -8.13 -1.24 39.25
C TYR A 4 -8.47 -1.72 37.85
N ILE A 5 -9.10 -0.88 37.03
CA ILE A 5 -9.49 -1.27 35.68
C ILE A 5 -8.44 -0.83 34.69
N TYR A 6 -7.78 0.30 34.95
CA TYR A 6 -6.62 0.66 34.15
C TYR A 6 -5.41 -0.18 34.52
N LEU A 7 -5.47 -0.91 35.63
CA LEU A 7 -4.53 -2.01 35.85
C LEU A 7 -4.88 -3.18 34.93
N GLY A 8 -6.17 -3.53 34.85
CA GLY A 8 -6.59 -4.67 34.04
C GLY A 8 -6.17 -4.55 32.60
N GLY A 9 -6.10 -3.33 32.07
CA GLY A 9 -5.54 -3.15 30.74
C GLY A 9 -4.06 -3.47 30.69
N ALA A 10 -3.33 -3.10 31.74
CA ALA A 10 -1.90 -3.39 31.78
C ALA A 10 -1.64 -4.89 31.92
N ILE A 11 -2.45 -5.59 32.72
CA ILE A 11 -2.20 -7.01 32.93
C ILE A 11 -2.59 -7.81 31.68
N LEU A 12 -3.64 -7.39 30.98
CA LEU A 12 -4.07 -8.10 29.79
C LEU A 12 -3.16 -7.79 28.60
N ALA A 13 -2.63 -6.57 28.53
CA ALA A 13 -1.64 -6.26 27.50
C ALA A 13 -0.42 -7.15 27.62
N GLU A 14 0.07 -7.36 28.85
CA GLU A 14 1.18 -8.29 29.07
C GLU A 14 0.75 -9.72 28.77
N VAL A 15 -0.46 -10.10 29.22
CA VAL A 15 -0.99 -11.43 28.93
C VAL A 15 -1.03 -11.66 27.43
N ILE A 16 -1.49 -10.66 26.67
CA ILE A 16 -1.52 -10.77 25.21
C ILE A 16 -0.10 -10.84 24.65
N GLY A 17 0.81 -10.02 25.19
CA GLY A 17 2.15 -9.93 24.64
C GLY A 17 2.98 -11.18 24.82
N THR A 18 2.77 -11.91 25.92
CA THR A 18 3.56 -13.12 26.17
C THR A 18 3.21 -14.20 25.17
N THR A 19 1.92 -14.41 24.91
CA THR A 19 1.51 -15.41 23.92
C THR A 19 2.04 -15.06 22.52
N LEU A 20 2.23 -13.77 22.25
CA LEU A 20 2.86 -13.37 21.00
C LEU A 20 4.36 -13.63 21.03
N MET A 21 4.97 -13.65 22.22
CA MET A 21 6.40 -13.89 22.32
C MET A 21 6.75 -15.33 21.95
N LYS A 22 5.83 -16.26 22.16
CA LYS A 22 6.02 -17.61 21.63
C LYS A 22 6.00 -17.59 20.11
N PHE A 23 5.17 -16.73 19.52
CA PHE A 23 5.20 -16.51 18.08
C PHE A 23 6.42 -15.71 17.65
N SER A 24 7.04 -14.94 18.57
CA SER A 24 8.19 -14.12 18.21
C SER A 24 9.36 -14.96 17.72
N ASN A 25 9.44 -16.22 18.12
CA ASN A 25 10.45 -17.16 17.64
C ASN A 25 11.87 -16.65 17.95
N GLY A 26 12.10 -16.41 19.24
CA GLY A 26 13.36 -15.83 19.68
C GLY A 26 13.62 -14.43 19.18
N PHE A 27 12.57 -13.60 19.06
CA PHE A 27 12.68 -12.25 18.51
C PHE A 27 13.27 -12.24 17.11
N THR A 28 13.02 -13.31 16.35
CA THR A 28 13.50 -13.42 14.98
C THR A 28 12.39 -13.35 13.95
N ARG A 29 11.13 -13.28 14.39
CA ARG A 29 9.99 -13.21 13.49
C ARG A 29 9.34 -11.84 13.64
N LEU A 30 9.49 -11.00 12.62
CA LEU A 30 8.86 -9.70 12.65
C LEU A 30 7.34 -9.86 12.61
N ILE A 31 6.66 -8.96 13.34
CA ILE A 31 5.22 -8.88 13.63
C ILE A 31 4.95 -9.49 15.01
N PRO A 32 5.35 -10.74 15.33
CA PRO A 32 5.25 -11.17 16.73
C PRO A 32 6.36 -10.56 17.60
N SER A 33 7.55 -10.39 17.04
CA SER A 33 8.62 -9.73 17.77
C SER A 33 8.28 -8.28 18.06
N MET A 34 7.85 -7.54 17.04
CA MET A 34 7.37 -6.18 17.27
C MET A 34 6.10 -6.19 18.10
N GLY A 35 5.33 -7.28 18.03
CA GLY A 35 4.06 -7.31 18.74
C GLY A 35 4.22 -7.41 20.25
N THR A 36 5.24 -8.14 20.70
CA THR A 36 5.41 -8.32 22.15
C THR A 36 6.05 -7.10 22.80
N ILE A 37 6.90 -6.36 22.08
CA ILE A 37 7.44 -5.13 22.64
C ILE A 37 6.36 -4.07 22.73
N ILE A 38 5.42 -4.06 21.77
CA ILE A 38 4.35 -3.07 21.79
C ILE A 38 3.37 -3.37 22.92
N CYS A 39 2.94 -4.62 23.04
CA CYS A 39 2.01 -4.99 24.10
C CYS A 39 2.60 -4.70 25.48
N TYR A 40 3.91 -4.88 25.64
CA TYR A 40 4.54 -4.61 26.92
C TYR A 40 4.66 -3.10 27.17
N CYS A 41 4.91 -2.33 26.10
CA CYS A 41 4.88 -0.88 26.24
C CYS A 41 3.52 -0.39 26.71
N ALA A 42 2.45 -1.02 26.22
CA ALA A 42 1.11 -0.68 26.69
C ALA A 42 0.94 -1.03 28.15
N SER A 43 1.45 -2.19 28.57
CA SER A 43 1.38 -2.59 29.97
C SER A 43 2.15 -1.61 30.86
N PHE A 44 3.32 -1.17 30.41
CA PHE A 44 4.07 -0.15 31.13
C PHE A 44 3.24 1.11 31.32
N TRP A 45 2.61 1.59 30.24
CA TRP A 45 1.90 2.85 30.26
C TRP A 45 0.78 2.86 31.29
N LEU A 46 0.09 1.73 31.45
CA LEU A 46 -1.09 1.68 32.30
C LEU A 46 -0.77 1.34 33.76
N LEU A 47 0.26 0.52 34.00
CA LEU A 47 0.66 0.22 35.37
C LEU A 47 1.11 1.48 36.09
N ALA A 48 2.01 2.24 35.48
CA ALA A 48 2.46 3.50 36.07
C ALA A 48 1.31 4.49 36.21
N GLN A 49 0.31 4.40 35.32
CA GLN A 49 -0.86 5.27 35.45
C GLN A 49 -1.65 4.94 36.71
N THR A 50 -1.63 3.68 37.16
CA THR A 50 -2.39 3.28 38.34
C THR A 50 -1.56 3.24 39.61
N LEU A 51 -0.23 3.13 39.51
CA LEU A 51 0.62 3.14 40.70
C LEU A 51 0.46 4.42 41.51
N ALA A 52 0.01 5.51 40.87
CA ALA A 52 -0.29 6.74 41.60
C ALA A 52 -1.52 6.62 42.47
N TYR A 53 -2.27 5.52 42.37
CA TYR A 53 -3.48 5.32 43.17
C TYR A 53 -3.50 3.99 43.91
N ILE A 54 -3.04 2.92 43.27
CA ILE A 54 -3.15 1.56 43.80
C ILE A 54 -1.88 1.21 44.57
N PRO A 55 -1.99 0.57 45.74
CA PRO A 55 -0.79 0.10 46.43
C PRO A 55 -0.07 -0.99 45.66
N THR A 56 1.13 -1.29 46.12
CA THR A 56 2.03 -2.19 45.41
C THR A 56 1.53 -3.63 45.37
N GLY A 57 1.70 -4.35 46.49
CA GLY A 57 1.49 -5.79 46.48
C GLY A 57 0.10 -6.22 46.08
N ILE A 58 -0.89 -5.34 46.26
CA ILE A 58 -2.24 -5.65 45.82
C ILE A 58 -2.28 -5.78 44.31
N ALA A 59 -1.74 -4.78 43.60
CA ALA A 59 -1.72 -4.83 42.14
C ALA A 59 -0.87 -5.97 41.62
N TYR A 60 0.20 -6.32 42.34
CA TYR A 60 1.13 -7.33 41.87
C TYR A 60 0.57 -8.74 42.03
N ALA A 61 -0.07 -9.03 43.18
CA ALA A 61 -0.66 -10.34 43.38
C ALA A 61 -1.92 -10.53 42.53
N ILE A 62 -2.68 -9.46 42.29
CA ILE A 62 -3.76 -9.51 41.32
C ILE A 62 -3.21 -9.89 39.95
N TRP A 63 -2.14 -9.20 39.53
CA TRP A 63 -1.44 -9.54 38.29
C TRP A 63 -1.02 -11.00 38.31
N SER A 64 -0.42 -11.43 39.42
CA SER A 64 0.07 -12.80 39.58
C SER A 64 -1.04 -13.83 39.33
N GLY A 65 -2.05 -13.85 40.20
CA GLY A 65 -3.08 -14.87 40.09
C GLY A 65 -3.78 -14.88 38.74
N VAL A 66 -4.21 -13.71 38.29
CA VAL A 66 -4.92 -13.62 37.02
C VAL A 66 -3.98 -13.93 35.85
N GLY A 67 -2.73 -13.45 35.92
CA GLY A 67 -1.78 -13.73 34.86
C GLY A 67 -1.46 -15.20 34.72
N ILE A 68 -1.28 -15.89 35.85
CA ILE A 68 -1.14 -17.35 35.82
C ILE A 68 -2.37 -17.97 35.20
N VAL A 69 -3.55 -17.41 35.49
CA VAL A 69 -4.80 -17.93 34.97
C VAL A 69 -4.99 -17.56 33.50
N LEU A 70 -4.70 -16.32 33.14
CA LEU A 70 -5.13 -15.80 31.84
C LEU A 70 -4.38 -16.47 30.70
N ILE A 71 -3.04 -16.48 30.75
CA ILE A 71 -2.30 -17.01 29.62
C ILE A 71 -2.29 -18.55 29.64
N SER A 72 -2.40 -19.17 30.81
CA SER A 72 -2.43 -20.63 30.86
C SER A 72 -3.66 -21.17 30.15
N LEU A 73 -4.75 -20.40 30.12
CA LEU A 73 -5.88 -20.76 29.29
C LEU A 73 -5.69 -20.30 27.85
N LEU A 74 -4.90 -19.24 27.64
CA LEU A 74 -4.51 -18.90 26.28
C LEU A 74 -3.51 -19.89 25.72
N SER A 75 -2.65 -20.46 26.57
CA SER A 75 -1.72 -21.49 26.10
C SER A 75 -2.45 -22.79 25.81
N TRP A 76 -3.45 -23.14 26.62
CA TRP A 76 -4.29 -24.31 26.37
C TRP A 76 -5.16 -24.13 25.12
N GLY A 77 -5.05 -23.00 24.42
CA GLY A 77 -5.83 -22.75 23.23
C GLY A 77 -4.99 -22.28 22.05
N PHE A 78 -4.14 -21.27 22.28
CA PHE A 78 -3.24 -20.78 21.23
C PHE A 78 -2.31 -21.90 20.77
N PHE A 79 -1.66 -22.57 21.71
CA PHE A 79 -0.74 -23.66 21.39
C PHE A 79 -1.34 -24.94 21.93
N GLY A 80 -0.99 -25.36 23.15
CA GLY A 80 -1.57 -26.55 23.73
C GLY A 80 -1.10 -26.82 25.15
N GLN A 81 -0.24 -27.82 25.32
CA GLN A 81 0.32 -28.15 26.63
C GLN A 81 1.57 -29.02 26.49
N ARG A 82 2.63 -28.69 27.23
CA ARG A 82 3.83 -29.52 27.27
C ARG A 82 3.85 -30.35 28.55
N LEU A 83 4.03 -29.67 29.68
CA LEU A 83 4.03 -30.25 31.02
C LEU A 83 5.19 -31.23 31.21
N ASP A 84 6.13 -30.87 32.08
CA ASP A 84 7.30 -31.69 32.37
C ASP A 84 7.42 -32.02 33.85
N LEU A 85 6.27 -32.06 34.56
CA LEU A 85 6.16 -32.35 35.99
C LEU A 85 4.68 -32.53 36.35
N PRO A 86 4.31 -32.89 37.62
CA PRO A 86 2.96 -33.42 37.84
C PRO A 86 1.89 -32.42 38.23
N ALA A 87 2.16 -31.55 39.20
CA ALA A 87 1.10 -30.84 39.91
C ALA A 87 0.82 -29.49 39.25
N ILE A 88 -0.37 -29.36 38.66
CA ILE A 88 -0.87 -28.05 38.24
C ILE A 88 -1.13 -27.19 39.47
N ILE A 89 -1.55 -27.81 40.58
CA ILE A 89 -1.86 -27.07 41.80
C ILE A 89 -0.64 -26.35 42.36
N GLY A 90 0.56 -26.74 41.91
CA GLY A 90 1.75 -26.01 42.32
C GLY A 90 1.69 -24.54 41.95
N MET A 91 1.14 -24.23 40.77
CA MET A 91 1.03 -22.84 40.35
C MET A 91 -0.01 -22.10 41.17
N MET A 92 -1.05 -22.80 41.63
CA MET A 92 -2.04 -22.18 42.49
C MET A 92 -1.48 -21.93 43.88
N LEU A 93 -0.59 -22.80 44.35
CA LEU A 93 0.04 -22.61 45.65
C LEU A 93 1.34 -21.81 45.55
N ILE A 94 1.95 -21.73 44.36
CA ILE A 94 2.89 -20.64 44.10
C ILE A 94 2.17 -19.31 44.19
N CYS A 95 1.04 -19.19 43.48
CA CYS A 95 0.19 -18.01 43.59
C CYS A 95 -0.23 -17.78 45.03
N ALA A 96 -0.58 -18.85 45.74
CA ALA A 96 -0.92 -18.72 47.16
C ALA A 96 0.27 -18.21 47.96
N GLY A 97 1.45 -18.81 47.77
CA GLY A 97 2.65 -18.30 48.39
C GLY A 97 2.94 -16.87 47.99
N VAL A 98 2.59 -16.49 46.76
CA VAL A 98 2.68 -15.09 46.35
C VAL A 98 1.64 -14.25 47.10
N LEU A 99 0.41 -14.77 47.22
CA LEU A 99 -0.67 -14.01 47.85
C LEU A 99 -0.42 -13.76 49.33
N ILE A 100 0.43 -14.54 49.98
CA ILE A 100 0.63 -14.43 51.43
C ILE A 100 1.99 -13.81 51.77
N ILE A 101 2.72 -13.31 50.78
CA ILE A 101 3.88 -12.46 51.03
C ILE A 101 3.66 -11.04 50.57
N ASN A 102 2.67 -10.80 49.70
CA ASN A 102 2.27 -9.44 49.32
C ASN A 102 1.17 -8.93 50.24
N LEU A 103 0.01 -9.59 50.23
CA LEU A 103 -1.11 -9.14 51.07
C LEU A 103 -0.80 -9.33 52.54
N LEU A 104 -0.11 -10.42 52.89
CA LEU A 104 0.15 -10.74 54.29
C LEU A 104 1.53 -10.26 54.73
N SER B 2 7.85 -22.56 -0.87
CA SER B 2 7.24 -21.99 0.33
C SER B 2 8.30 -21.54 1.33
N SER B 3 9.35 -20.91 0.81
CA SER B 3 10.48 -20.47 1.61
C SER B 3 10.72 -18.97 1.43
N VAL B 4 11.54 -18.42 2.30
CA VAL B 4 11.89 -17.00 2.26
C VAL B 4 13.37 -16.84 2.59
N PRO B 5 14.02 -15.82 2.00
CA PRO B 5 13.46 -14.85 1.05
C PRO B 5 13.36 -15.42 -0.37
N THR B 6 12.64 -14.72 -1.24
CA THR B 6 12.41 -15.15 -2.61
C THR B 6 12.84 -14.06 -3.58
N LYS B 7 13.20 -14.47 -4.79
CA LYS B 7 13.46 -13.57 -5.91
C LYS B 7 14.53 -12.54 -5.55
N LEU B 8 15.77 -13.03 -5.44
CA LEU B 8 16.92 -12.17 -5.19
C LEU B 8 17.40 -11.61 -6.53
N GLU B 9 17.22 -10.31 -6.73
CA GLU B 9 17.57 -9.67 -7.98
C GLU B 9 18.41 -8.43 -7.71
N VAL B 10 19.17 -8.02 -8.72
CA VAL B 10 20.02 -6.83 -8.65
C VAL B 10 19.27 -5.70 -9.35
N VAL B 11 18.75 -4.76 -8.56
CA VAL B 11 18.03 -3.61 -9.11
C VAL B 11 18.96 -2.78 -9.96
N ALA B 12 19.80 -1.97 -9.31
CA ALA B 12 20.77 -1.13 -9.99
C ALA B 12 22.17 -1.70 -9.80
N ALA B 13 23.08 -1.27 -10.68
CA ALA B 13 24.47 -1.68 -10.65
C ALA B 13 25.36 -0.45 -10.71
N THR B 14 26.66 -0.69 -10.54
CA THR B 14 27.70 0.33 -10.55
C THR B 14 29.04 -0.39 -10.40
N PRO B 15 30.10 0.06 -11.08
CA PRO B 15 31.42 -0.56 -10.90
C PRO B 15 31.83 -0.79 -9.45
N THR B 16 31.34 0.03 -8.52
CA THR B 16 31.75 -0.08 -7.12
C THR B 16 30.58 -0.22 -6.16
N SER B 17 29.36 -0.47 -6.66
CA SER B 17 28.22 -0.58 -5.76
C SER B 17 27.09 -1.32 -6.45
N LEU B 18 26.36 -2.13 -5.68
CA LEU B 18 25.22 -2.88 -6.19
C LEU B 18 24.00 -2.63 -5.31
N LEU B 19 22.83 -2.59 -5.95
CA LEU B 19 21.56 -2.42 -5.25
C LEU B 19 20.70 -3.65 -5.52
N ILE B 20 20.31 -4.35 -4.45
CA ILE B 20 19.59 -5.61 -4.57
C ILE B 20 18.30 -5.54 -3.75
N SER B 21 17.38 -6.43 -4.09
CA SER B 21 16.11 -6.54 -3.39
C SER B 21 15.68 -8.01 -3.40
N TRP B 22 14.63 -8.30 -2.63
CA TRP B 22 14.14 -9.68 -2.53
C TRP B 22 12.69 -9.64 -2.07
N ASP B 23 11.97 -10.72 -2.41
CA ASP B 23 10.58 -10.88 -2.01
C ASP B 23 10.53 -11.31 -0.55
N ALA B 24 10.15 -10.38 0.33
CA ALA B 24 10.11 -10.66 1.76
C ALA B 24 9.03 -11.68 2.14
N GLY B 25 8.11 -11.97 1.23
CA GLY B 25 7.04 -12.91 1.53
C GLY B 25 5.84 -12.24 2.17
N HIS B 26 5.03 -13.06 2.82
CA HIS B 26 3.84 -12.57 3.49
C HIS B 26 4.21 -11.91 4.82
N TRP B 27 3.21 -11.29 5.45
CA TRP B 27 3.45 -10.58 6.70
C TRP B 27 3.88 -11.54 7.80
N TRP B 28 3.29 -12.73 7.84
CA TRP B 28 3.72 -13.71 8.83
C TRP B 28 5.08 -14.31 8.49
N GLU B 29 5.55 -14.11 7.27
CA GLU B 29 6.86 -14.60 6.84
C GLU B 29 7.95 -13.54 7.00
N TRP B 30 7.62 -12.36 7.53
CA TRP B 30 8.60 -11.30 7.70
C TRP B 30 9.42 -11.54 8.97
N VAL B 31 10.73 -11.32 8.86
CA VAL B 31 11.66 -11.58 9.95
C VAL B 31 12.20 -10.26 10.47
N THR B 32 12.96 -10.35 11.57
CA THR B 32 13.44 -9.15 12.25
C THR B 32 14.75 -8.62 11.70
N TYR B 33 15.61 -9.48 11.16
CA TYR B 33 16.87 -9.00 10.59
C TYR B 33 17.37 -10.00 9.56
N TYR B 34 17.53 -9.55 8.32
CA TYR B 34 18.21 -10.33 7.29
C TYR B 34 19.70 -9.96 7.31
N ARG B 35 20.55 -10.98 7.35
CA ARG B 35 21.98 -10.75 7.18
C ARG B 35 22.36 -11.13 5.75
N ILE B 36 23.29 -10.36 5.18
CA ILE B 36 23.62 -10.46 3.77
C ILE B 36 25.15 -10.51 3.64
N THR B 37 25.64 -11.47 2.85
CA THR B 37 27.06 -11.75 2.72
C THR B 37 27.47 -11.61 1.25
N TYR B 38 28.63 -11.01 1.01
CA TYR B 38 29.15 -10.84 -0.34
C TYR B 38 30.65 -11.08 -0.36
N GLY B 39 31.13 -11.64 -1.47
CA GLY B 39 32.54 -11.93 -1.64
C GLY B 39 32.83 -12.28 -3.08
N GLU B 40 34.12 -12.46 -3.37
CA GLU B 40 34.55 -12.76 -4.73
C GLU B 40 34.10 -14.14 -5.17
N THR B 41 33.81 -14.27 -6.46
CA THR B 41 33.42 -15.57 -7.02
C THR B 41 34.59 -16.55 -7.03
N GLY B 42 35.79 -16.06 -7.33
CA GLY B 42 36.96 -16.93 -7.32
C GLY B 42 37.18 -17.60 -5.97
N GLY B 43 36.98 -16.85 -4.89
CA GLY B 43 37.06 -17.42 -3.56
C GLY B 43 38.46 -17.49 -2.98
N ASN B 44 39.22 -16.40 -3.14
CA ASN B 44 40.57 -16.28 -2.58
C ASN B 44 40.60 -15.27 -1.45
N SER B 45 39.52 -15.21 -0.67
CA SER B 45 39.36 -14.23 0.39
C SER B 45 38.23 -14.67 1.30
N PRO B 46 38.08 -14.08 2.50
CA PRO B 46 36.90 -14.40 3.32
C PRO B 46 35.62 -13.84 2.72
N VAL B 47 34.62 -13.59 3.56
CA VAL B 47 33.33 -13.12 3.11
C VAL B 47 32.91 -11.95 3.99
N GLN B 48 32.73 -10.78 3.37
CA GLN B 48 32.22 -9.63 4.09
C GLN B 48 30.75 -9.85 4.46
N GLU B 49 30.37 -9.37 5.64
CA GLU B 49 29.04 -9.59 6.15
C GLU B 49 28.52 -8.34 6.83
N PHE B 50 27.27 -8.00 6.54
CA PHE B 50 26.59 -6.92 7.24
C PHE B 50 25.10 -7.26 7.34
N THR B 51 24.46 -6.77 8.38
CA THR B 51 23.06 -7.02 8.63
C THR B 51 22.20 -5.85 8.16
N VAL B 52 20.89 -6.08 8.13
CA VAL B 52 19.93 -5.05 7.73
C VAL B 52 18.59 -5.41 8.36
N PRO B 53 17.81 -4.43 8.84
CA PRO B 53 16.55 -4.75 9.49
C PRO B 53 15.59 -5.50 8.57
N GLY B 54 14.77 -6.35 9.18
CA GLY B 54 13.85 -7.23 8.48
C GLY B 54 12.61 -6.60 7.91
N TYR B 55 12.38 -5.31 8.14
CA TYR B 55 11.25 -4.62 7.54
C TYR B 55 11.60 -3.97 6.20
N SER B 56 12.85 -4.08 5.76
CA SER B 56 13.29 -3.55 4.48
C SER B 56 13.62 -4.70 3.55
N SER B 57 13.10 -4.64 2.33
CA SER B 57 13.36 -5.66 1.32
C SER B 57 14.54 -5.29 0.42
N THR B 58 15.21 -4.17 0.67
CA THR B 58 16.32 -3.72 -0.15
C THR B 58 17.55 -3.49 0.71
N ALA B 59 18.72 -3.62 0.08
CA ALA B 59 19.98 -3.39 0.75
C ALA B 59 20.99 -2.89 -0.27
N THR B 60 21.89 -2.01 0.18
CA THR B 60 22.90 -1.41 -0.67
C THR B 60 24.28 -1.84 -0.22
N ILE B 61 25.12 -2.22 -1.18
CA ILE B 61 26.49 -2.62 -0.93
C ILE B 61 27.42 -1.68 -1.69
N SER B 62 28.53 -1.32 -1.05
CA SER B 62 29.50 -0.39 -1.63
C SER B 62 30.91 -0.95 -1.47
N GLY B 63 31.86 -0.27 -2.09
CA GLY B 63 33.26 -0.64 -1.95
C GLY B 63 33.69 -1.83 -2.77
N LEU B 64 33.03 -2.09 -3.91
CA LEU B 64 33.37 -3.22 -4.76
C LEU B 64 34.41 -2.80 -5.80
N LYS B 65 35.12 -3.81 -6.31
CA LYS B 65 36.10 -3.58 -7.36
C LYS B 65 35.49 -3.86 -8.72
N PRO B 66 35.59 -2.92 -9.67
CA PRO B 66 34.92 -3.12 -10.97
C PRO B 66 35.52 -4.27 -11.76
N GLY B 67 34.68 -4.88 -12.59
CA GLY B 67 35.07 -5.96 -13.48
C GLY B 67 35.01 -7.34 -12.87
N VAL B 68 35.16 -7.45 -11.55
CA VAL B 68 35.22 -8.75 -10.89
C VAL B 68 33.82 -9.33 -10.76
N ASP B 69 33.72 -10.65 -10.86
CA ASP B 69 32.48 -11.37 -10.64
C ASP B 69 32.34 -11.68 -9.15
N TYR B 70 31.18 -11.38 -8.58
CA TYR B 70 30.91 -11.56 -7.17
C TYR B 70 29.74 -12.52 -6.97
N THR B 71 29.60 -13.02 -5.75
CA THR B 71 28.48 -13.87 -5.35
C THR B 71 27.82 -13.27 -4.12
N ILE B 72 26.54 -12.96 -4.23
CA ILE B 72 25.76 -12.36 -3.15
C ILE B 72 24.80 -13.41 -2.60
N THR B 73 24.65 -13.44 -1.28
CA THR B 73 23.77 -14.39 -0.61
C THR B 73 23.05 -13.68 0.52
N VAL B 74 21.72 -13.71 0.49
CA VAL B 74 20.88 -13.11 1.52
C VAL B 74 20.37 -14.22 2.42
N TYR B 75 20.69 -14.11 3.72
CA TYR B 75 20.37 -15.14 4.70
C TYR B 75 19.09 -14.76 5.47
N ALA B 76 18.90 -15.39 6.63
CA ALA B 76 17.78 -15.18 7.53
C ALA B 76 18.31 -15.29 8.96
N PRO B 77 17.53 -14.92 9.98
CA PRO B 77 18.03 -15.08 11.36
C PRO B 77 18.46 -16.51 11.69
N THR B 78 17.67 -17.51 11.28
CA THR B 78 17.99 -18.91 11.52
C THR B 78 17.79 -19.69 10.22
N SER B 79 17.96 -21.01 10.31
CA SER B 79 17.83 -21.90 9.17
C SER B 79 16.44 -22.52 9.06
N ASP B 80 15.44 -21.93 9.73
CA ASP B 80 14.10 -22.47 9.73
C ASP B 80 13.18 -21.82 8.69
N TYR B 81 13.50 -20.61 8.25
CA TYR B 81 12.62 -19.88 7.33
C TYR B 81 12.76 -20.33 5.88
N GLY B 82 13.90 -20.87 5.51
CA GLY B 82 14.13 -21.34 4.16
C GLY B 82 15.58 -21.20 3.76
N SER B 83 15.95 -21.90 2.69
CA SER B 83 17.32 -21.87 2.21
C SER B 83 17.67 -20.47 1.72
N PRO B 84 18.91 -20.02 1.92
CA PRO B 84 19.28 -18.67 1.49
C PRO B 84 19.40 -18.59 -0.03
N ILE B 85 18.91 -17.48 -0.58
CA ILE B 85 18.97 -17.24 -2.01
C ILE B 85 20.31 -16.57 -2.33
N SER B 86 21.03 -17.15 -3.27
CA SER B 86 22.33 -16.64 -3.70
C SER B 86 22.33 -16.45 -5.21
N ILE B 87 22.92 -15.35 -5.67
CA ILE B 87 22.98 -15.00 -7.07
C ILE B 87 24.41 -14.54 -7.40
N ASN B 88 24.62 -14.21 -8.67
CA ASN B 88 25.91 -13.75 -9.17
C ASN B 88 25.71 -12.50 -10.00
N TYR B 89 26.80 -11.72 -10.13
CA TYR B 89 26.77 -10.50 -10.91
C TYR B 89 28.21 -10.06 -11.16
N ARG B 90 28.48 -9.57 -12.38
CA ARG B 90 29.79 -9.07 -12.76
C ARG B 90 29.70 -7.57 -12.94
N THR B 91 30.45 -6.82 -12.14
CA THR B 91 30.43 -5.37 -12.18
C THR B 91 31.26 -4.83 -13.34
N PRO C 3 -7.20 30.67 -19.93
CA PRO C 3 -8.61 30.98 -20.14
C PRO C 3 -9.10 30.50 -21.51
N TYR C 4 -8.20 30.57 -22.50
CA TYR C 4 -8.45 30.04 -23.83
C TYR C 4 -7.33 29.11 -24.27
N ILE C 5 -6.56 28.57 -23.33
CA ILE C 5 -5.38 27.78 -23.68
C ILE C 5 -5.69 26.31 -23.93
N TYR C 6 -6.71 25.75 -23.27
CA TYR C 6 -6.91 24.31 -23.37
C TYR C 6 -7.25 23.88 -24.79
N LEU C 7 -7.29 24.83 -25.73
CA LEU C 7 -7.13 24.51 -27.14
C LEU C 7 -5.72 23.98 -27.43
N GLY C 8 -4.81 24.09 -26.48
CA GLY C 8 -3.51 23.47 -26.58
C GLY C 8 -3.38 22.35 -25.56
N GLY C 9 -4.12 22.47 -24.45
CA GLY C 9 -4.14 21.39 -23.47
C GLY C 9 -4.84 20.15 -23.99
N ALA C 10 -5.90 20.33 -24.78
CA ALA C 10 -6.55 19.19 -25.40
C ALA C 10 -5.66 18.55 -26.45
N ILE C 11 -4.85 19.35 -27.14
CA ILE C 11 -3.85 18.79 -28.06
C ILE C 11 -2.87 17.93 -27.28
N LEU C 12 -2.18 18.54 -26.31
CA LEU C 12 -1.15 17.84 -25.57
C LEU C 12 -1.70 16.61 -24.86
N ALA C 13 -2.93 16.69 -24.35
CA ALA C 13 -3.57 15.51 -23.75
C ALA C 13 -3.75 14.43 -24.81
N GLU C 14 -4.29 14.80 -25.98
CA GLU C 14 -4.34 13.87 -27.10
C GLU C 14 -2.93 13.51 -27.58
N VAL C 15 -1.98 14.44 -27.44
CA VAL C 15 -0.61 14.19 -27.86
C VAL C 15 0.05 13.15 -26.94
N ILE C 16 -0.14 13.30 -25.63
CA ILE C 16 0.47 12.37 -24.68
C ILE C 16 -0.15 10.98 -24.82
N GLY C 17 -1.47 10.91 -24.98
CA GLY C 17 -2.13 9.62 -25.04
C GLY C 17 -1.69 8.78 -26.22
N THR C 18 -1.45 9.41 -27.36
CA THR C 18 -1.02 8.67 -28.55
C THR C 18 0.36 8.05 -28.33
N THR C 19 1.27 8.79 -27.69
CA THR C 19 2.58 8.22 -27.39
C THR C 19 2.50 7.16 -26.31
N LEU C 20 1.57 7.31 -25.36
CA LEU C 20 1.32 6.25 -24.40
C LEU C 20 0.66 5.04 -25.06
N MET C 21 -0.06 5.26 -26.16
CA MET C 21 -0.69 4.15 -26.88
C MET C 21 0.35 3.25 -27.52
N LYS C 22 1.47 3.81 -27.96
CA LYS C 22 2.55 2.99 -28.49
C LYS C 22 3.14 2.09 -27.41
N PHE C 23 3.04 2.49 -26.14
CA PHE C 23 3.44 1.65 -25.02
C PHE C 23 2.37 0.66 -24.60
N SER C 24 1.13 0.83 -25.06
CA SER C 24 0.03 -0.04 -24.63
C SER C 24 0.18 -1.46 -25.15
N ASN C 25 0.89 -1.66 -26.26
CA ASN C 25 1.10 -2.99 -26.85
C ASN C 25 -0.23 -3.66 -27.17
N GLY C 26 -1.10 -2.92 -27.86
CA GLY C 26 -2.39 -3.45 -28.25
C GLY C 26 -3.42 -3.47 -27.15
N PHE C 27 -3.41 -2.47 -26.26
CA PHE C 27 -4.30 -2.42 -25.09
C PHE C 27 -4.16 -3.67 -24.23
N THR C 28 -2.98 -4.27 -24.23
CA THR C 28 -2.70 -5.47 -23.45
C THR C 28 -1.82 -5.20 -22.24
N ARG C 29 -1.37 -3.95 -22.05
CA ARG C 29 -0.49 -3.57 -20.96
C ARG C 29 -1.22 -2.57 -20.09
N LEU C 30 -1.56 -2.97 -18.87
CA LEU C 30 -2.20 -2.04 -17.94
C LEU C 30 -1.22 -0.96 -17.51
N ILE C 31 -1.74 0.25 -17.36
CA ILE C 31 -1.09 1.53 -17.03
C ILE C 31 -0.91 2.34 -18.31
N PRO C 32 -0.32 1.81 -19.40
CA PRO C 32 -0.47 2.53 -20.68
C PRO C 32 -1.88 2.48 -21.22
N SER C 33 -2.56 1.34 -21.07
CA SER C 33 -3.95 1.24 -21.53
C SER C 33 -4.85 2.17 -20.75
N MET C 34 -4.73 2.17 -19.41
CA MET C 34 -5.51 3.09 -18.59
C MET C 34 -5.13 4.53 -18.86
N GLY C 35 -3.84 4.81 -19.04
CA GLY C 35 -3.41 6.17 -19.27
C GLY C 35 -3.95 6.75 -20.57
N THR C 36 -4.04 5.92 -21.61
CA THR C 36 -4.59 6.39 -22.88
C THR C 36 -6.07 6.71 -22.77
N ILE C 37 -6.83 5.86 -22.07
CA ILE C 37 -8.25 6.14 -21.87
C ILE C 37 -8.43 7.41 -21.04
N ILE C 38 -7.52 7.67 -20.10
CA ILE C 38 -7.64 8.84 -19.24
C ILE C 38 -7.24 10.10 -20.01
N CYS C 39 -6.13 10.04 -20.76
CA CYS C 39 -5.65 11.21 -21.49
C CYS C 39 -6.70 11.72 -22.47
N TYR C 40 -7.41 10.81 -23.13
CA TYR C 40 -8.44 11.22 -24.09
C TYR C 40 -9.72 11.71 -23.42
N CYS C 41 -9.98 11.29 -22.17
CA CYS C 41 -11.10 11.85 -21.44
C CYS C 41 -10.86 13.32 -21.10
N ALA C 42 -9.62 13.71 -20.89
CA ALA C 42 -9.30 15.10 -20.57
C ALA C 42 -9.40 15.98 -21.81
N SER C 43 -8.79 15.54 -22.92
CA SER C 43 -8.80 16.33 -24.14
C SER C 43 -10.22 16.60 -24.63
N PHE C 44 -11.08 15.58 -24.60
CA PHE C 44 -12.47 15.76 -25.00
C PHE C 44 -13.17 16.76 -24.09
N TRP C 45 -13.05 16.57 -22.77
CA TRP C 45 -13.63 17.52 -21.84
C TRP C 45 -13.05 18.91 -22.04
N LEU C 46 -11.76 18.99 -22.38
CA LEU C 46 -11.19 20.28 -22.75
C LEU C 46 -11.69 20.74 -24.12
N LEU C 47 -11.80 19.81 -25.07
CA LEU C 47 -12.37 20.12 -26.39
C LEU C 47 -13.86 20.43 -26.28
N ALA C 48 -14.29 20.90 -25.12
CA ALA C 48 -15.67 21.29 -24.89
C ALA C 48 -15.69 22.59 -24.08
N GLN C 49 -14.74 22.73 -23.16
CA GLN C 49 -14.59 23.97 -22.42
C GLN C 49 -13.72 24.99 -23.16
N THR C 50 -13.31 24.67 -24.38
CA THR C 50 -12.68 25.63 -25.30
C THR C 50 -13.40 25.68 -26.63
N LEU C 51 -13.86 24.53 -27.11
CA LEU C 51 -14.62 24.45 -28.34
C LEU C 51 -16.03 25.00 -28.19
N ALA C 52 -16.42 25.40 -26.97
CA ALA C 52 -17.67 26.12 -26.77
C ALA C 52 -17.60 27.56 -27.24
N TYR C 53 -16.39 28.07 -27.50
CA TYR C 53 -16.19 29.46 -27.91
C TYR C 53 -15.39 29.51 -29.21
N ILE C 54 -14.12 29.15 -29.13
CA ILE C 54 -13.24 29.12 -30.30
C ILE C 54 -13.86 28.18 -31.34
N PRO C 55 -14.07 28.62 -32.58
CA PRO C 55 -14.90 27.86 -33.51
C PRO C 55 -14.20 26.61 -34.01
N THR C 56 -14.98 25.77 -34.71
CA THR C 56 -14.45 24.53 -35.27
C THR C 56 -13.28 24.79 -36.21
N GLY C 57 -13.23 25.97 -36.82
CA GLY C 57 -12.16 26.31 -37.73
C GLY C 57 -10.79 26.34 -37.08
N ILE C 58 -10.54 27.35 -36.24
CA ILE C 58 -9.22 27.49 -35.63
C ILE C 58 -8.98 26.42 -34.57
N ALA C 59 -10.02 26.02 -33.83
CA ALA C 59 -9.82 25.02 -32.79
C ALA C 59 -9.32 23.71 -33.38
N TYR C 60 -9.80 23.35 -34.57
CA TYR C 60 -9.38 22.08 -35.15
C TYR C 60 -8.19 22.23 -36.08
N ALA C 61 -8.10 23.35 -36.80
CA ALA C 61 -6.91 23.59 -37.62
C ALA C 61 -5.66 23.70 -36.76
N ILE C 62 -5.80 24.20 -35.53
CA ILE C 62 -4.68 24.19 -34.59
C ILE C 62 -4.43 22.78 -34.08
N TRP C 63 -5.51 22.01 -33.86
CA TRP C 63 -5.36 20.62 -33.43
C TRP C 63 -4.48 19.83 -34.40
N SER C 64 -4.76 19.96 -35.70
CA SER C 64 -4.02 19.17 -36.69
C SER C 64 -2.57 19.60 -36.79
N GLY C 65 -2.31 20.90 -36.69
CA GLY C 65 -0.95 21.41 -36.82
C GLY C 65 -0.09 21.15 -35.60
N VAL C 66 -0.55 21.56 -34.42
CA VAL C 66 0.22 21.38 -33.20
C VAL C 66 0.28 19.90 -32.82
N GLY C 67 -0.72 19.12 -33.22
CA GLY C 67 -0.69 17.69 -32.93
C GLY C 67 0.34 16.95 -33.77
N ILE C 68 0.36 17.21 -35.08
CA ILE C 68 1.26 16.50 -35.98
C ILE C 68 2.72 16.80 -35.71
N VAL C 69 3.03 17.83 -34.92
CA VAL C 69 4.40 18.16 -34.58
C VAL C 69 4.77 17.65 -33.20
N LEU C 70 3.84 17.70 -32.24
CA LEU C 70 4.19 17.36 -30.87
C LEU C 70 4.48 15.86 -30.72
N ILE C 71 3.59 15.00 -31.24
CA ILE C 71 3.83 13.57 -31.11
C ILE C 71 4.96 13.13 -32.05
N SER C 72 5.10 13.78 -33.21
CA SER C 72 6.15 13.39 -34.13
C SER C 72 7.52 13.77 -33.59
N LEU C 73 7.59 14.81 -32.75
CA LEU C 73 8.80 15.07 -31.99
C LEU C 73 8.89 14.16 -30.78
N LEU C 74 7.75 13.74 -30.21
CA LEU C 74 7.77 12.71 -29.18
C LEU C 74 8.11 11.34 -29.79
N SER C 75 7.65 11.08 -31.02
CA SER C 75 7.99 9.84 -31.69
C SER C 75 9.50 9.67 -31.84
N TRP C 76 10.25 10.77 -31.83
CA TRP C 76 11.71 10.68 -31.94
C TRP C 76 12.37 10.43 -30.59
N GLY C 77 11.88 11.10 -29.53
CA GLY C 77 12.47 10.96 -28.21
C GLY C 77 12.27 9.61 -27.57
N PHE C 78 11.24 8.87 -27.99
CA PHE C 78 10.96 7.55 -27.44
C PHE C 78 11.26 6.53 -28.52
N PHE C 79 10.30 6.21 -29.39
CA PHE C 79 10.38 5.08 -30.31
C PHE C 79 11.28 5.34 -31.51
N GLY C 80 11.63 6.60 -31.77
CA GLY C 80 12.52 6.91 -32.86
C GLY C 80 11.89 6.76 -34.22
N GLN C 81 12.73 6.85 -35.25
CA GLN C 81 12.29 6.71 -36.63
C GLN C 81 12.07 5.24 -36.96
N ARG C 82 11.02 4.98 -37.73
CA ARG C 82 10.71 3.64 -38.22
C ARG C 82 10.75 3.53 -39.74
N LEU C 83 10.48 4.63 -40.44
CA LEU C 83 10.56 4.67 -41.90
C LEU C 83 10.56 6.15 -42.30
N ASP C 84 10.83 6.39 -43.58
CA ASP C 84 10.80 7.73 -44.14
C ASP C 84 10.60 7.65 -45.64
N LEU C 85 9.63 6.82 -46.05
CA LEU C 85 9.37 6.54 -47.46
C LEU C 85 8.90 7.80 -48.18
N PRO C 86 9.05 7.84 -49.54
CA PRO C 86 9.09 9.12 -50.26
C PRO C 86 9.46 10.38 -49.48
N ALA C 87 8.54 10.95 -48.69
CA ALA C 87 8.75 12.29 -48.18
C ALA C 87 8.32 12.44 -46.72
N ILE C 88 9.12 13.20 -45.97
CA ILE C 88 8.70 13.72 -44.68
C ILE C 88 7.79 14.94 -44.87
N ILE C 89 8.10 15.78 -45.86
CA ILE C 89 7.28 16.93 -46.19
C ILE C 89 5.89 16.53 -46.65
N GLY C 90 5.69 15.26 -46.99
CA GLY C 90 4.34 14.78 -47.25
C GLY C 90 3.39 15.04 -46.10
N MET C 91 3.89 14.98 -44.86
CA MET C 91 3.05 15.26 -43.71
C MET C 91 2.83 16.76 -43.53
N MET C 92 3.83 17.58 -43.90
CA MET C 92 3.70 19.02 -43.76
C MET C 92 2.77 19.62 -44.80
N LEU C 93 2.61 18.97 -45.96
CA LEU C 93 1.67 19.43 -46.96
C LEU C 93 0.30 18.78 -46.84
N ILE C 94 0.21 17.63 -46.15
CA ILE C 94 -1.09 17.18 -45.65
C ILE C 94 -1.66 18.23 -44.70
N CYS C 95 -0.83 18.68 -43.75
CA CYS C 95 -1.24 19.71 -42.81
C CYS C 95 -1.46 21.04 -43.52
N ALA C 96 -0.65 21.35 -44.54
CA ALA C 96 -0.86 22.58 -45.28
C ALA C 96 -2.21 22.61 -45.98
N GLY C 97 -2.74 21.44 -46.33
CA GLY C 97 -4.01 21.36 -47.00
C GLY C 97 -5.19 21.19 -46.05
N VAL C 98 -4.91 20.71 -44.85
CA VAL C 98 -5.92 20.73 -43.79
C VAL C 98 -6.25 22.17 -43.44
N LEU C 99 -5.27 23.07 -43.52
CA LEU C 99 -5.47 24.48 -43.23
C LEU C 99 -6.23 25.22 -44.32
N ILE C 100 -6.16 24.75 -45.57
CA ILE C 100 -6.84 25.42 -46.67
C ILE C 100 -8.21 24.81 -46.96
N ILE C 101 -8.67 23.89 -46.12
CA ILE C 101 -10.06 23.45 -46.16
C ILE C 101 -10.82 23.78 -44.88
N ASN C 102 -10.12 24.02 -43.77
CA ASN C 102 -10.73 24.51 -42.54
C ASN C 102 -10.79 26.04 -42.53
N LEU C 103 -9.64 26.69 -42.67
CA LEU C 103 -9.60 28.15 -42.66
C LEU C 103 -10.18 28.72 -43.96
N LEU C 104 -9.67 28.28 -45.09
CA LEU C 104 -10.21 28.69 -46.38
C LEU C 104 -11.58 28.08 -46.62
N SER D 2 12.50 -13.60 -15.25
CA SER D 2 12.01 -12.27 -15.61
C SER D 2 10.74 -12.36 -16.43
N SER D 3 9.81 -13.21 -16.00
CA SER D 3 8.56 -13.44 -16.70
C SER D 3 7.39 -13.21 -15.76
N VAL D 4 6.19 -13.12 -16.34
CA VAL D 4 4.97 -12.88 -15.59
C VAL D 4 3.84 -13.72 -16.18
N PRO D 5 2.91 -14.17 -15.32
CA PRO D 5 2.92 -13.97 -13.87
C PRO D 5 3.86 -14.93 -13.16
N THR D 6 4.06 -14.72 -11.86
CA THR D 6 4.92 -15.57 -11.05
C THR D 6 4.14 -16.06 -9.85
N LYS D 7 4.61 -17.18 -9.28
CA LYS D 7 4.13 -17.70 -8.00
C LYS D 7 2.61 -17.93 -8.03
N LEU D 8 2.22 -18.91 -8.84
CA LEU D 8 0.81 -19.31 -8.91
C LEU D 8 0.53 -20.26 -7.75
N GLU D 9 -0.09 -19.73 -6.70
CA GLU D 9 -0.39 -20.50 -5.50
C GLU D 9 -1.90 -20.55 -5.30
N VAL D 10 -2.33 -21.54 -4.50
CA VAL D 10 -3.73 -21.74 -4.16
C VAL D 10 -3.91 -21.30 -2.72
N VAL D 11 -4.59 -20.17 -2.52
CA VAL D 11 -4.80 -19.62 -1.18
C VAL D 11 -5.72 -20.54 -0.39
N ALA D 12 -6.98 -20.63 -0.81
CA ALA D 12 -7.98 -21.45 -0.13
C ALA D 12 -8.51 -22.53 -1.06
N ALA D 13 -8.90 -23.65 -0.47
CA ALA D 13 -9.42 -24.79 -1.20
C ALA D 13 -10.84 -25.09 -0.76
N THR D 14 -11.46 -26.04 -1.48
CA THR D 14 -12.83 -26.50 -1.25
C THR D 14 -13.11 -27.65 -2.21
N PRO D 15 -13.83 -28.69 -1.77
CA PRO D 15 -14.17 -29.80 -2.68
C PRO D 15 -14.81 -29.37 -3.99
N THR D 16 -15.37 -28.15 -4.03
CA THR D 16 -16.02 -27.65 -5.22
C THR D 16 -15.51 -26.29 -5.70
N SER D 17 -14.49 -25.72 -5.07
CA SER D 17 -14.01 -24.41 -5.46
C SER D 17 -12.57 -24.22 -5.02
N LEU D 18 -11.86 -23.35 -5.73
CA LEU D 18 -10.46 -23.04 -5.44
C LEU D 18 -10.23 -21.55 -5.60
N LEU D 19 -9.46 -20.97 -4.67
CA LEU D 19 -9.09 -19.56 -4.69
C LEU D 19 -7.58 -19.47 -4.89
N ILE D 20 -7.16 -18.83 -5.99
CA ILE D 20 -5.76 -18.79 -6.37
C ILE D 20 -5.32 -17.34 -6.52
N SER D 21 -4.02 -17.13 -6.36
CA SER D 21 -3.40 -15.83 -6.55
C SER D 21 -2.07 -16.02 -7.26
N TRP D 22 -1.49 -14.91 -7.72
CA TRP D 22 -0.25 -14.97 -8.48
C TRP D 22 0.46 -13.63 -8.38
N ASP D 23 1.78 -13.67 -8.37
CA ASP D 23 2.60 -12.46 -8.34
C ASP D 23 2.42 -11.74 -9.67
N ALA D 24 1.64 -10.64 -9.66
CA ALA D 24 1.42 -9.87 -10.87
C ALA D 24 2.70 -9.22 -11.38
N GLY D 25 3.70 -9.05 -10.53
CA GLY D 25 4.94 -8.43 -10.94
C GLY D 25 5.01 -6.96 -10.57
N HIS D 26 5.78 -6.20 -11.34
CA HIS D 26 5.94 -4.77 -11.09
C HIS D 26 4.84 -3.99 -11.82
N TRP D 27 4.83 -2.67 -11.63
CA TRP D 27 3.74 -1.86 -12.16
C TRP D 27 3.79 -1.77 -13.70
N TRP D 28 4.98 -1.88 -14.29
CA TRP D 28 5.06 -1.91 -15.74
C TRP D 28 4.83 -3.31 -16.31
N GLU D 29 4.74 -4.33 -15.45
CA GLU D 29 4.45 -5.69 -15.87
C GLU D 29 2.98 -6.06 -15.74
N TRP D 30 2.13 -5.11 -15.35
CA TRP D 30 0.71 -5.38 -15.17
C TRP D 30 -0.02 -5.32 -16.50
N VAL D 31 -0.90 -6.30 -16.73
CA VAL D 31 -1.65 -6.39 -17.97
C VAL D 31 -3.11 -6.02 -17.71
N THR D 32 -3.87 -5.93 -18.79
CA THR D 32 -5.26 -5.46 -18.69
C THR D 32 -6.25 -6.58 -18.44
N TYR D 33 -5.93 -7.82 -18.84
CA TYR D 33 -6.83 -8.94 -18.58
C TYR D 33 -6.02 -10.23 -18.52
N TYR D 34 -6.10 -10.92 -17.39
CA TYR D 34 -5.59 -12.29 -17.27
C TYR D 34 -6.70 -13.25 -17.64
N ARG D 35 -6.40 -14.19 -18.54
CA ARG D 35 -7.31 -15.31 -18.79
C ARG D 35 -6.75 -16.55 -18.11
N ILE D 36 -7.65 -17.33 -17.51
CA ILE D 36 -7.27 -18.42 -16.61
C ILE D 36 -8.05 -19.66 -16.99
N THR D 37 -7.36 -20.78 -17.08
CA THR D 37 -7.90 -22.04 -17.60
C THR D 37 -7.79 -23.12 -16.54
N TYR D 38 -8.81 -23.98 -16.46
CA TYR D 38 -8.79 -25.11 -15.54
C TYR D 38 -9.51 -26.30 -16.19
N GLY D 39 -8.95 -27.49 -16.00
CA GLY D 39 -9.51 -28.71 -16.54
C GLY D 39 -9.05 -29.90 -15.72
N GLU D 40 -9.56 -31.08 -16.11
CA GLU D 40 -9.20 -32.30 -15.39
C GLU D 40 -7.78 -32.73 -15.75
N THR D 41 -7.06 -33.25 -14.74
CA THR D 41 -5.70 -33.71 -14.96
C THR D 41 -5.68 -34.90 -15.91
N GLY D 42 -6.70 -35.76 -15.83
CA GLY D 42 -6.74 -36.92 -16.72
C GLY D 42 -6.76 -36.53 -18.19
N GLY D 43 -7.54 -35.52 -18.54
CA GLY D 43 -7.55 -35.02 -19.90
C GLY D 43 -8.58 -35.63 -20.81
N ASN D 44 -9.59 -36.33 -20.27
CA ASN D 44 -10.71 -36.83 -21.05
C ASN D 44 -11.80 -35.77 -21.25
N SER D 45 -11.41 -34.51 -21.30
CA SER D 45 -12.34 -33.39 -21.38
C SER D 45 -11.60 -32.19 -21.95
N PRO D 46 -12.33 -31.18 -22.43
CA PRO D 46 -11.65 -29.93 -22.82
C PRO D 46 -11.16 -29.16 -21.60
N VAL D 47 -11.23 -27.83 -21.67
CA VAL D 47 -10.76 -26.97 -20.60
C VAL D 47 -11.67 -25.76 -20.50
N GLN D 48 -12.10 -25.43 -19.29
CA GLN D 48 -12.90 -24.24 -19.06
C GLN D 48 -12.00 -23.01 -19.03
N GLU D 49 -12.55 -21.88 -19.49
CA GLU D 49 -11.79 -20.65 -19.57
C GLU D 49 -12.67 -19.47 -19.19
N PHE D 50 -12.10 -18.53 -18.43
CA PHE D 50 -12.75 -17.27 -18.14
C PHE D 50 -11.68 -16.21 -17.95
N THR D 51 -12.01 -14.98 -18.31
CA THR D 51 -11.09 -13.86 -18.18
C THR D 51 -11.36 -13.11 -16.87
N VAL D 52 -10.31 -12.47 -16.36
CA VAL D 52 -10.41 -11.68 -15.13
C VAL D 52 -9.66 -10.38 -15.36
N PRO D 53 -10.14 -9.25 -14.84
CA PRO D 53 -9.44 -7.98 -15.06
C PRO D 53 -8.00 -8.03 -14.52
N GLY D 54 -7.11 -7.38 -15.25
CA GLY D 54 -5.69 -7.42 -14.95
C GLY D 54 -5.27 -6.67 -13.70
N TYR D 55 -6.17 -5.88 -13.10
CA TYR D 55 -5.86 -5.19 -11.86
C TYR D 55 -6.12 -6.05 -10.62
N SER D 56 -6.35 -7.36 -10.80
CA SER D 56 -6.59 -8.28 -9.71
C SER D 56 -5.61 -9.45 -9.83
N SER D 57 -4.88 -9.72 -8.75
CA SER D 57 -3.98 -10.87 -8.70
C SER D 57 -4.66 -12.13 -8.21
N THR D 58 -5.93 -12.06 -7.80
CA THR D 58 -6.67 -13.19 -7.30
C THR D 58 -7.81 -13.55 -8.25
N ALA D 59 -8.23 -14.82 -8.19
CA ALA D 59 -9.32 -15.31 -9.01
C ALA D 59 -10.00 -16.46 -8.28
N THR D 60 -11.30 -16.60 -8.52
CA THR D 60 -12.10 -17.63 -7.87
C THR D 60 -12.71 -18.55 -8.91
N ILE D 61 -12.57 -19.85 -8.70
CA ILE D 61 -13.10 -20.88 -9.58
C ILE D 61 -14.08 -21.73 -8.80
N SER D 62 -15.23 -22.04 -9.40
CA SER D 62 -16.25 -22.83 -8.76
C SER D 62 -16.72 -23.93 -9.70
N GLY D 63 -17.51 -24.85 -9.14
CA GLY D 63 -18.12 -25.90 -9.92
C GLY D 63 -17.28 -27.14 -10.14
N LEU D 64 -16.32 -27.40 -9.28
CA LEU D 64 -15.46 -28.57 -9.43
C LEU D 64 -16.04 -29.78 -8.71
N LYS D 65 -15.57 -30.96 -9.11
CA LYS D 65 -16.02 -32.22 -8.50
C LYS D 65 -15.03 -32.65 -7.43
N PRO D 66 -15.49 -33.02 -6.24
CA PRO D 66 -14.57 -33.35 -5.16
C PRO D 66 -13.74 -34.59 -5.44
N GLY D 67 -12.56 -34.64 -4.82
CA GLY D 67 -11.66 -35.77 -4.95
C GLY D 67 -10.88 -35.82 -6.25
N VAL D 68 -11.27 -35.05 -7.27
CA VAL D 68 -10.64 -35.10 -8.58
C VAL D 68 -9.42 -34.18 -8.57
N ASP D 69 -8.37 -34.60 -9.26
CA ASP D 69 -7.17 -33.80 -9.43
C ASP D 69 -7.32 -32.90 -10.64
N TYR D 70 -7.03 -31.60 -10.45
CA TYR D 70 -7.19 -30.60 -11.50
C TYR D 70 -5.88 -29.89 -11.75
N THR D 71 -5.73 -29.38 -12.98
CA THR D 71 -4.58 -28.57 -13.38
C THR D 71 -5.06 -27.17 -13.71
N ILE D 72 -4.41 -26.16 -13.13
CA ILE D 72 -4.79 -24.77 -13.31
C ILE D 72 -3.63 -24.03 -13.95
N THR D 73 -3.92 -23.22 -14.97
CA THR D 73 -2.92 -22.41 -15.65
C THR D 73 -3.44 -20.99 -15.79
N VAL D 74 -2.59 -20.01 -15.50
CA VAL D 74 -2.90 -18.60 -15.64
C VAL D 74 -2.09 -18.05 -16.80
N TYR D 75 -2.77 -17.42 -17.75
CA TYR D 75 -2.16 -16.94 -18.98
C TYR D 75 -2.01 -15.42 -18.96
N ALA D 76 -1.71 -14.86 -20.13
CA ALA D 76 -1.52 -13.44 -20.34
C ALA D 76 -2.17 -13.04 -21.67
N PRO D 77 -2.37 -11.75 -21.94
CA PRO D 77 -2.99 -11.37 -23.22
C PRO D 77 -2.26 -11.91 -24.44
N THR D 78 -0.93 -11.79 -24.48
CA THR D 78 -0.13 -12.32 -25.57
C THR D 78 1.02 -13.15 -24.99
N SER D 79 1.82 -13.74 -25.87
CA SER D 79 2.95 -14.57 -25.50
C SER D 79 4.24 -13.77 -25.32
N ASP D 80 4.17 -12.45 -25.37
CA ASP D 80 5.36 -11.61 -25.24
C ASP D 80 5.77 -11.36 -23.80
N TYR D 81 4.90 -11.65 -22.83
CA TYR D 81 5.15 -11.31 -21.45
C TYR D 81 5.87 -12.40 -20.67
N GLY D 82 5.70 -13.66 -21.04
CA GLY D 82 6.38 -14.76 -20.39
C GLY D 82 5.54 -16.02 -20.41
N SER D 83 6.19 -17.13 -20.05
CA SER D 83 5.51 -18.42 -20.08
C SER D 83 4.43 -18.47 -19.00
N PRO D 84 3.28 -19.08 -19.29
CA PRO D 84 2.22 -19.17 -18.28
C PRO D 84 2.59 -20.14 -17.17
N ILE D 85 2.20 -19.79 -15.95
CA ILE D 85 2.45 -20.62 -14.78
C ILE D 85 1.29 -21.59 -14.62
N SER D 86 1.60 -22.88 -14.50
CA SER D 86 0.61 -23.93 -14.38
C SER D 86 0.91 -24.80 -13.17
N ILE D 87 -0.12 -25.14 -12.40
CA ILE D 87 0.01 -25.92 -11.19
C ILE D 87 -1.05 -27.00 -11.17
N ASN D 88 -1.02 -27.82 -10.11
CA ASN D 88 -1.96 -28.92 -9.92
C ASN D 88 -2.53 -28.86 -8.51
N TYR D 89 -3.73 -29.41 -8.35
CA TYR D 89 -4.36 -29.48 -7.03
C TYR D 89 -5.46 -30.53 -7.06
N ARG D 90 -5.58 -31.27 -5.97
CA ARG D 90 -6.62 -32.28 -5.79
C ARG D 90 -7.59 -31.82 -4.72
N THR D 91 -8.88 -31.92 -5.01
CA THR D 91 -9.92 -31.44 -4.10
C THR D 91 -10.41 -32.56 -3.19
N ASN E 2 17.62 -27.86 32.81
CA ASN E 2 18.04 -26.80 31.89
C ASN E 2 17.04 -25.64 31.77
N PRO E 3 15.77 -25.91 31.43
CA PRO E 3 14.85 -24.80 31.17
C PRO E 3 14.56 -23.97 32.41
N TYR E 4 14.61 -24.55 33.60
CA TYR E 4 14.41 -23.82 34.84
C TYR E 4 15.68 -23.11 35.30
N ILE E 5 16.78 -23.24 34.56
CA ILE E 5 17.98 -22.46 34.85
C ILE E 5 17.90 -21.10 34.20
N TYR E 6 17.40 -21.04 32.96
CA TYR E 6 17.26 -19.76 32.26
C TYR E 6 16.08 -18.96 32.80
N LEU E 7 14.99 -19.64 33.17
CA LEU E 7 13.87 -18.95 33.80
C LEU E 7 14.33 -18.22 35.05
N GLY E 8 15.01 -18.92 35.96
CA GLY E 8 15.59 -18.27 37.12
C GLY E 8 16.64 -17.25 36.77
N GLY E 9 17.37 -17.47 35.67
CA GLY E 9 18.30 -16.46 35.19
C GLY E 9 17.58 -15.22 34.70
N ALA E 10 16.40 -15.40 34.09
CA ALA E 10 15.57 -14.26 33.73
C ALA E 10 14.96 -13.60 34.95
N ILE E 11 14.74 -14.37 36.03
CA ILE E 11 14.26 -13.79 37.28
C ILE E 11 15.32 -12.86 37.86
N LEU E 12 16.55 -13.35 38.00
CA LEU E 12 17.65 -12.51 38.48
C LEU E 12 17.81 -11.27 37.62
N ALA E 13 17.65 -11.41 36.30
CA ALA E 13 17.83 -10.27 35.40
C ALA E 13 16.77 -9.21 35.64
N GLU E 14 15.50 -9.61 35.74
CA GLU E 14 14.44 -8.64 35.97
C GLU E 14 14.56 -7.99 37.34
N VAL E 15 14.92 -8.78 38.36
CA VAL E 15 15.09 -8.23 39.70
C VAL E 15 16.22 -7.20 39.71
N ILE E 16 17.33 -7.50 39.05
CA ILE E 16 18.41 -6.53 38.95
C ILE E 16 17.97 -5.30 38.17
N GLY E 17 17.11 -5.47 37.16
CA GLY E 17 16.64 -4.34 36.39
C GLY E 17 15.76 -3.40 37.20
N THR E 18 14.80 -3.96 37.94
CA THR E 18 13.91 -3.12 38.75
C THR E 18 14.64 -2.45 39.90
N THR E 19 15.69 -3.09 40.43
CA THR E 19 16.47 -2.45 41.49
C THR E 19 17.38 -1.36 40.93
N LEU E 20 18.01 -1.61 39.78
CA LEU E 20 18.77 -0.56 39.11
C LEU E 20 17.87 0.57 38.63
N MET E 21 16.56 0.32 38.50
CA MET E 21 15.63 1.38 38.17
C MET E 21 15.29 2.22 39.39
N LYS E 22 15.17 1.59 40.57
CA LYS E 22 14.90 2.35 41.78
C LYS E 22 16.12 3.15 42.22
N PHE E 23 17.33 2.70 41.86
CA PHE E 23 18.52 3.49 42.10
C PHE E 23 18.56 4.72 41.18
N SER E 24 18.49 4.48 39.87
CA SER E 24 18.48 5.57 38.91
C SER E 24 17.18 6.38 39.03
N ASN E 25 17.23 7.60 38.51
CA ASN E 25 16.04 8.45 38.52
C ASN E 25 15.19 8.17 37.30
N GLY E 26 14.63 9.22 36.68
CA GLY E 26 13.82 9.03 35.50
C GLY E 26 14.62 8.62 34.28
N PHE E 27 15.25 7.45 34.35
CA PHE E 27 16.16 6.96 33.31
C PHE E 27 17.22 8.00 32.97
N THR E 28 17.63 8.79 33.96
CA THR E 28 18.63 9.82 33.78
C THR E 28 20.02 9.37 34.21
N ARG E 29 20.14 8.73 35.37
CA ARG E 29 21.41 8.17 35.80
C ARG E 29 21.93 7.21 34.74
N LEU E 30 22.89 7.67 33.94
CA LEU E 30 23.26 6.97 32.71
C LEU E 30 23.69 5.53 32.98
N ILE E 31 24.58 5.33 33.95
CA ILE E 31 25.14 4.00 34.17
C ILE E 31 24.07 2.98 34.60
N PRO E 32 23.26 3.24 35.64
CA PRO E 32 22.19 2.28 35.95
C PRO E 32 21.02 2.32 34.98
N SER E 33 20.89 3.39 34.19
CA SER E 33 19.88 3.39 33.14
C SER E 33 20.24 2.40 32.04
N MET E 34 21.50 2.40 31.60
CA MET E 34 21.96 1.37 30.68
C MET E 34 21.88 -0.02 31.29
N GLY E 35 22.11 -0.12 32.61
CA GLY E 35 21.95 -1.40 33.27
C GLY E 35 20.54 -1.93 33.15
N THR E 36 19.55 -1.07 33.39
CA THR E 36 18.15 -1.48 33.28
C THR E 36 17.82 -1.93 31.85
N ILE E 37 18.32 -1.18 30.86
CA ILE E 37 18.07 -1.55 29.47
C ILE E 37 18.75 -2.88 29.15
N ILE E 38 20.01 -3.02 29.55
CA ILE E 38 20.73 -4.28 29.32
C ILE E 38 20.07 -5.43 30.07
N CYS E 39 19.71 -5.20 31.33
CA CYS E 39 19.03 -6.24 32.11
C CYS E 39 17.71 -6.63 31.45
N TYR E 40 16.94 -5.65 30.99
CA TYR E 40 15.65 -5.94 30.37
C TYR E 40 15.85 -6.66 29.04
N CYS E 41 16.60 -6.04 28.12
CA CYS E 41 16.84 -6.64 26.81
C CYS E 41 17.35 -8.07 26.95
N ALA E 42 18.15 -8.34 27.97
CA ALA E 42 18.58 -9.71 28.24
C ALA E 42 17.43 -10.55 28.76
N SER E 43 16.68 -10.03 29.73
CA SER E 43 15.62 -10.82 30.35
C SER E 43 14.48 -11.11 29.38
N PHE E 44 14.15 -10.14 28.51
CA PHE E 44 13.13 -10.39 27.50
C PHE E 44 13.61 -11.43 26.48
N TRP E 45 14.88 -11.35 26.08
CA TRP E 45 15.45 -12.39 25.25
C TRP E 45 15.58 -13.70 25.98
N LEU E 46 15.63 -13.67 27.32
CA LEU E 46 15.66 -14.90 28.10
C LEU E 46 14.26 -15.51 28.23
N LEU E 47 13.25 -14.68 28.52
CA LEU E 47 11.89 -15.20 28.59
C LEU E 47 11.42 -15.68 27.23
N ALA E 48 11.82 -14.99 26.15
CA ALA E 48 11.44 -15.41 24.80
C ALA E 48 11.98 -16.81 24.49
N GLN E 49 13.13 -17.16 25.05
CA GLN E 49 13.74 -18.46 24.79
C GLN E 49 13.29 -19.53 25.77
N THR E 50 12.96 -19.15 27.01
CA THR E 50 12.52 -20.11 28.00
C THR E 50 11.02 -20.39 27.93
N LEU E 51 10.25 -19.59 27.18
CA LEU E 51 8.83 -19.86 27.01
C LEU E 51 8.57 -20.91 25.94
N ALA E 52 9.52 -21.14 25.04
CA ALA E 52 9.36 -22.19 24.04
C ALA E 52 9.55 -23.59 24.63
N TYR E 53 10.29 -23.69 25.73
CA TYR E 53 10.55 -24.99 26.37
C TYR E 53 9.43 -25.36 27.33
N ILE E 54 9.36 -24.70 28.47
CA ILE E 54 8.39 -25.00 29.52
C ILE E 54 7.02 -24.47 29.12
N PRO E 55 5.93 -25.02 29.65
CA PRO E 55 4.62 -24.38 29.48
C PRO E 55 4.67 -22.95 29.99
N THR E 56 3.94 -22.06 29.30
CA THR E 56 4.08 -20.64 29.56
C THR E 56 3.39 -20.22 30.85
N GLY E 57 2.20 -20.77 31.12
CA GLY E 57 1.52 -20.48 32.38
C GLY E 57 2.28 -20.94 33.59
N ILE E 58 3.23 -21.86 33.40
CA ILE E 58 4.09 -22.33 34.47
C ILE E 58 5.31 -21.42 34.63
N ALA E 59 5.97 -21.08 33.52
CA ALA E 59 7.01 -20.06 33.56
C ALA E 59 6.44 -18.74 34.09
N TYR E 60 5.17 -18.47 33.81
CA TYR E 60 4.46 -17.36 34.43
C TYR E 60 4.47 -17.54 35.94
N ALA E 61 3.75 -18.54 36.44
CA ALA E 61 3.57 -18.74 37.87
C ALA E 61 4.91 -18.75 38.60
N ILE E 62 5.87 -19.52 38.10
CA ILE E 62 7.17 -19.62 38.75
C ILE E 62 7.83 -18.24 38.88
N TRP E 63 7.71 -17.42 37.83
CA TRP E 63 8.36 -16.13 37.83
C TRP E 63 7.75 -15.19 38.88
N SER E 64 6.42 -15.12 38.93
CA SER E 64 5.77 -14.29 39.93
C SER E 64 6.11 -14.75 41.34
N GLY E 65 6.42 -16.03 41.50
CA GLY E 65 6.85 -16.54 42.77
C GLY E 65 8.22 -16.04 43.18
N VAL E 66 9.27 -16.57 42.53
CA VAL E 66 10.63 -16.15 42.84
C VAL E 66 10.83 -14.66 42.61
N GLY E 67 9.99 -14.04 41.78
CA GLY E 67 10.05 -12.60 41.59
C GLY E 67 9.96 -11.82 42.88
N ILE E 68 8.79 -11.83 43.52
CA ILE E 68 8.64 -11.17 44.81
C ILE E 68 9.46 -11.88 45.87
N VAL E 69 9.65 -13.19 45.74
CA VAL E 69 10.48 -13.92 46.70
C VAL E 69 11.89 -13.37 46.72
N LEU E 70 12.50 -13.19 45.53
CA LEU E 70 13.86 -12.68 45.48
C LEU E 70 13.90 -11.16 45.62
N ILE E 71 12.84 -10.45 45.21
CA ILE E 71 12.82 -9.00 45.39
C ILE E 71 12.73 -8.65 46.86
N SER E 72 11.97 -9.44 47.64
CA SER E 72 11.95 -9.26 49.09
C SER E 72 13.07 -10.00 49.79
N LEU E 73 13.68 -10.98 49.12
CA LEU E 73 14.86 -11.65 49.67
C LEU E 73 16.01 -10.65 49.84
N LEU E 74 16.36 -9.95 48.77
CA LEU E 74 17.42 -8.96 48.81
C LEU E 74 16.93 -7.60 49.29
N SER E 75 15.62 -7.43 49.52
CA SER E 75 15.13 -6.22 50.16
C SER E 75 15.72 -6.08 51.55
N TRP E 76 15.61 -7.14 52.37
CA TRP E 76 16.24 -7.17 53.67
C TRP E 76 17.76 -7.27 53.60
N GLY E 77 18.32 -7.43 52.39
CA GLY E 77 19.76 -7.51 52.22
C GLY E 77 20.49 -6.32 52.82
N PHE E 78 20.43 -5.18 52.15
CA PHE E 78 20.88 -3.92 52.72
C PHE E 78 19.80 -2.87 52.79
N PHE E 79 18.81 -2.91 51.90
CA PHE E 79 17.78 -1.88 51.82
C PHE E 79 16.75 -2.06 52.92
N GLY E 80 15.51 -1.64 52.67
CA GLY E 80 14.45 -1.72 53.65
C GLY E 80 14.12 -3.14 54.09
N LEU E 85 7.25 -13.86 60.51
CA LEU E 85 6.27 -13.02 59.82
C LEU E 85 5.79 -13.70 58.54
N PRO E 86 4.59 -13.34 58.06
CA PRO E 86 4.01 -14.05 56.91
C PRO E 86 4.84 -13.99 55.65
N ALA E 87 5.87 -13.16 55.59
CA ALA E 87 6.68 -13.07 54.37
C ALA E 87 7.76 -14.15 54.31
N ILE E 88 8.20 -14.68 55.46
CA ILE E 88 9.23 -15.70 55.42
C ILE E 88 8.63 -17.09 55.15
N ILE E 89 7.52 -17.41 55.81
CA ILE E 89 6.90 -18.71 55.57
C ILE E 89 6.19 -18.73 54.22
N GLY E 90 5.55 -17.61 53.85
CA GLY E 90 4.94 -17.52 52.54
C GLY E 90 5.95 -17.63 51.42
N MET E 91 7.19 -17.20 51.69
CA MET E 91 8.28 -17.44 50.74
C MET E 91 8.47 -18.93 50.50
N MET E 92 8.58 -19.70 51.58
CA MET E 92 8.73 -21.15 51.45
C MET E 92 7.48 -21.80 50.87
N LEU E 93 6.32 -21.15 50.95
CA LEU E 93 5.10 -21.74 50.41
C LEU E 93 5.18 -21.83 48.89
N ILE E 94 5.38 -20.69 48.23
CA ILE E 94 5.56 -20.71 46.77
C ILE E 94 6.79 -21.53 46.42
N CYS E 95 7.84 -21.45 47.24
CA CYS E 95 9.07 -22.20 46.98
C CYS E 95 8.79 -23.69 46.92
N ALA E 96 7.88 -24.19 47.76
CA ALA E 96 7.44 -25.56 47.64
C ALA E 96 6.52 -25.75 46.44
N GLY E 97 5.71 -24.73 46.12
CA GLY E 97 4.91 -24.79 44.92
C GLY E 97 5.73 -24.91 43.67
N VAL E 98 6.91 -24.28 43.64
CA VAL E 98 7.84 -24.49 42.54
C VAL E 98 8.38 -25.91 42.57
N LEU E 99 8.58 -26.46 43.76
CA LEU E 99 9.16 -27.79 43.88
C LEU E 99 8.24 -28.88 43.35
N ILE E 100 6.96 -28.60 43.16
CA ILE E 100 6.05 -29.55 42.54
C ILE E 100 5.67 -29.11 41.12
N ILE E 101 6.47 -28.21 40.52
CA ILE E 101 6.41 -27.98 39.08
C ILE E 101 7.81 -27.83 38.50
N ASN E 102 8.82 -28.32 39.23
CA ASN E 102 10.21 -28.23 38.77
C ASN E 102 10.82 -29.62 38.71
N LEU E 103 11.10 -30.10 37.50
CA LEU E 103 11.78 -31.37 37.22
C LEU E 103 11.57 -32.48 38.26
N SER F 3 23.78 20.23 41.97
CA SER F 3 24.87 19.27 42.13
C SER F 3 25.59 19.03 40.82
N VAL F 4 24.85 18.54 39.82
CA VAL F 4 25.40 18.34 38.49
C VAL F 4 24.49 19.01 37.46
N PRO F 5 25.04 19.65 36.42
CA PRO F 5 26.47 19.74 36.12
C PRO F 5 27.17 20.75 37.01
N THR F 6 28.49 20.63 37.14
CA THR F 6 29.29 21.52 37.97
C THR F 6 30.49 22.03 37.17
N LYS F 7 30.88 23.27 37.46
CA LYS F 7 32.04 23.90 36.86
C LYS F 7 31.91 24.02 35.34
N LEU F 8 31.17 25.01 34.88
CA LEU F 8 31.02 25.30 33.46
C LEU F 8 32.00 26.43 33.11
N GLU F 9 33.01 26.11 32.30
CA GLU F 9 33.98 27.10 31.85
C GLU F 9 34.31 26.85 30.39
N VAL F 10 35.02 27.79 29.79
CA VAL F 10 35.36 27.76 28.37
C VAL F 10 36.84 27.43 28.25
N VAL F 11 37.16 26.35 27.54
CA VAL F 11 38.54 25.92 27.39
C VAL F 11 39.22 26.71 26.28
N ALA F 12 38.67 26.65 25.07
CA ALA F 12 39.23 27.33 23.91
C ALA F 12 38.18 28.29 23.34
N ALA F 13 38.66 29.34 22.66
CA ALA F 13 37.78 30.39 22.17
C ALA F 13 38.34 30.97 20.88
N THR F 14 37.54 30.90 19.82
CA THR F 14 37.71 31.52 18.52
C THR F 14 36.71 32.67 18.39
N PRO F 15 37.01 33.71 17.59
CA PRO F 15 36.00 34.75 17.33
C PRO F 15 34.64 34.22 16.91
N THR F 16 34.57 32.98 16.41
CA THR F 16 33.32 32.40 15.96
C THR F 16 32.95 31.08 16.63
N SER F 17 33.74 30.60 17.59
CA SER F 17 33.46 29.31 18.20
C SER F 17 33.91 29.29 19.65
N LEU F 18 33.32 28.37 20.42
CA LEU F 18 33.62 28.22 21.84
C LEU F 18 33.54 26.75 22.20
N LEU F 19 34.63 26.21 22.78
CA LEU F 19 34.66 24.83 23.27
C LEU F 19 34.47 24.87 24.78
N ILE F 20 33.34 24.33 25.25
CA ILE F 20 32.98 24.38 26.65
C ILE F 20 33.09 22.99 27.25
N SER F 21 33.28 22.96 28.57
CA SER F 21 33.39 21.70 29.32
C SER F 21 32.77 21.88 30.68
N TRP F 22 32.43 20.75 31.30
CA TRP F 22 31.85 20.74 32.63
C TRP F 22 32.18 19.41 33.30
N ASP F 23 31.99 19.37 34.62
CA ASP F 23 32.13 18.14 35.38
C ASP F 23 30.81 17.39 35.34
N ALA F 24 30.76 16.30 34.53
CA ALA F 24 29.54 15.51 34.34
C ALA F 24 29.14 14.77 35.60
N GLY F 25 29.78 14.98 36.74
CA GLY F 25 29.49 14.22 37.94
C GLY F 25 30.53 13.13 38.20
N HIS F 26 30.06 11.92 38.46
CA HIS F 26 30.96 10.82 38.77
C HIS F 26 30.23 9.48 38.69
N TRP F 27 30.27 8.84 37.51
CA TRP F 27 29.79 7.49 37.31
C TRP F 27 28.35 7.30 37.77
N TRP F 28 28.15 7.11 39.09
CA TRP F 28 26.82 6.87 39.62
C TRP F 28 25.95 8.11 39.65
N GLU F 29 26.52 9.29 39.43
CA GLU F 29 25.75 10.52 39.27
C GLU F 29 25.82 11.06 37.84
N TRP F 30 26.27 10.23 36.90
CA TRP F 30 26.23 10.59 35.49
C TRP F 30 24.79 10.64 35.00
N VAL F 31 24.37 11.79 34.49
CA VAL F 31 23.04 11.89 33.88
C VAL F 31 23.12 11.33 32.47
N THR F 32 21.97 11.18 31.81
CA THR F 32 21.96 10.63 30.46
C THR F 32 22.28 11.67 29.40
N TYR F 33 21.98 12.94 29.65
CA TYR F 33 22.24 13.98 28.66
C TYR F 33 22.25 15.35 29.33
N TYR F 34 23.03 16.25 28.75
CA TYR F 34 23.03 17.67 29.13
C TYR F 34 22.60 18.48 27.91
N ARG F 35 21.65 19.38 28.11
CA ARG F 35 21.22 20.27 27.03
C ARG F 35 21.91 21.62 27.22
N ILE F 36 22.53 22.11 26.15
CA ILE F 36 23.34 23.33 26.18
C ILE F 36 22.59 24.41 25.43
N THR F 37 22.38 25.55 26.08
CA THR F 37 21.63 26.67 25.53
C THR F 37 22.55 27.86 25.39
N TYR F 38 22.75 28.33 24.16
CA TYR F 38 23.56 29.51 23.90
C TYR F 38 22.79 30.48 23.03
N GLY F 39 22.69 31.72 23.49
CA GLY F 39 22.07 32.78 22.72
C GLY F 39 22.72 34.10 23.07
N GLU F 40 22.38 35.12 22.28
CA GLU F 40 22.95 36.44 22.50
C GLU F 40 22.65 36.95 23.90
N THR F 41 23.64 37.62 24.49
CA THR F 41 23.48 38.14 25.85
C THR F 41 22.40 39.21 25.93
N GLY F 42 22.03 39.80 24.80
CA GLY F 42 20.95 40.78 24.79
C GLY F 42 19.59 40.13 24.74
N GLY F 43 19.12 39.79 23.54
CA GLY F 43 17.84 39.14 23.40
C GLY F 43 17.04 39.61 22.20
N ASN F 44 17.72 40.21 21.22
CA ASN F 44 17.05 40.64 19.99
C ASN F 44 16.48 39.47 19.20
N SER F 45 17.03 38.27 19.40
CA SER F 45 16.57 37.05 18.76
C SER F 45 16.50 35.96 19.81
N PRO F 46 15.80 34.86 19.53
CA PRO F 46 15.79 33.74 20.49
C PRO F 46 17.17 33.11 20.64
N VAL F 47 17.30 32.15 21.55
CA VAL F 47 18.56 31.49 21.80
C VAL F 47 18.62 30.21 20.97
N GLN F 48 19.80 29.62 20.90
CA GLN F 48 20.00 28.33 20.24
C GLN F 48 20.24 27.26 21.31
N GLU F 49 19.98 26.01 20.93
CA GLU F 49 20.00 24.94 21.92
C GLU F 49 20.29 23.61 21.23
N PHE F 50 21.15 22.80 21.85
CA PHE F 50 21.37 21.42 21.44
C PHE F 50 21.50 20.57 22.70
N THR F 51 21.74 19.27 22.50
CA THR F 51 21.91 18.33 23.59
C THR F 51 23.15 17.48 23.34
N VAL F 52 23.79 17.07 24.44
CA VAL F 52 25.00 16.25 24.40
C VAL F 52 24.77 15.05 25.31
N PRO F 53 25.25 13.86 24.93
CA PRO F 53 25.11 12.69 25.82
C PRO F 53 25.71 12.94 27.20
N GLY F 54 25.22 12.20 28.19
CA GLY F 54 25.59 12.46 29.56
C GLY F 54 26.99 12.02 29.93
N TYR F 55 27.50 11.00 29.24
CA TYR F 55 28.87 10.57 29.50
C TYR F 55 29.87 11.62 29.03
N SER F 56 29.51 12.44 28.04
CA SER F 56 30.40 13.48 27.55
C SER F 56 30.42 14.66 28.50
N SER F 57 31.63 15.17 28.76
CA SER F 57 31.81 16.34 29.61
C SER F 57 32.17 17.60 28.85
N THR F 58 32.39 17.50 27.54
CA THR F 58 32.76 18.64 26.71
C THR F 58 31.82 18.75 25.53
N ALA F 59 31.79 19.94 24.92
CA ALA F 59 30.94 20.19 23.77
C ALA F 59 31.43 21.44 23.05
N THR F 60 31.22 21.48 21.74
CA THR F 60 31.64 22.60 20.90
C THR F 60 30.42 23.41 20.47
N ILE F 61 30.60 24.72 20.36
CA ILE F 61 29.55 25.64 19.95
C ILE F 61 30.08 26.45 18.77
N SER F 62 29.56 26.17 17.58
CA SER F 62 30.05 26.77 16.35
C SER F 62 29.07 27.79 15.81
N GLY F 63 29.56 28.66 14.94
CA GLY F 63 28.72 29.61 14.23
C GLY F 63 28.27 30.80 15.06
N LEU F 64 29.23 31.52 15.64
CA LEU F 64 28.93 32.69 16.46
C LEU F 64 29.49 33.95 15.81
N LYS F 65 28.98 35.09 16.25
CA LYS F 65 29.45 36.35 15.68
C LYS F 65 30.62 36.92 16.49
N PRO F 66 31.64 37.45 15.81
CA PRO F 66 32.82 37.94 16.53
C PRO F 66 32.51 39.21 17.31
N GLY F 67 33.09 39.30 18.51
CA GLY F 67 32.92 40.45 19.37
C GLY F 67 31.67 40.46 20.21
N VAL F 68 30.65 39.70 19.83
CA VAL F 68 29.37 39.71 20.54
C VAL F 68 29.49 38.86 21.80
N ASP F 69 28.89 39.35 22.89
CA ASP F 69 28.87 38.61 24.14
C ASP F 69 27.71 37.62 24.14
N TYR F 70 27.97 36.41 24.65
CA TYR F 70 26.98 35.35 24.67
C TYR F 70 26.78 34.82 26.07
N THR F 71 25.62 34.19 26.29
CA THR F 71 25.30 33.51 27.54
C THR F 71 25.06 32.05 27.25
N ILE F 72 25.75 31.17 27.96
CA ILE F 72 25.68 29.72 27.76
C ILE F 72 25.13 29.08 29.02
N THR F 73 24.15 28.19 28.85
CA THR F 73 23.54 27.46 29.96
C THR F 73 23.55 25.98 29.64
N VAL F 74 23.96 25.17 30.61
CA VAL F 74 24.00 23.71 30.46
C VAL F 74 22.98 23.14 31.44
N TYR F 75 21.83 22.72 30.92
CA TYR F 75 20.79 22.13 31.75
C TYR F 75 21.02 20.63 31.93
N ALA F 76 20.71 20.15 33.13
CA ALA F 76 20.62 18.73 33.38
C ALA F 76 19.36 18.19 32.69
N PRO F 77 19.14 16.86 32.67
CA PRO F 77 17.86 16.37 32.13
C PRO F 77 16.66 16.94 32.85
N THR F 78 16.75 17.07 34.18
CA THR F 78 15.69 17.64 34.99
C THR F 78 16.32 18.58 36.01
N SER F 79 15.47 19.34 36.69
CA SER F 79 15.93 20.28 37.71
C SER F 79 16.27 19.59 39.03
N ASP F 80 16.08 18.28 39.14
CA ASP F 80 16.37 17.57 40.38
C ASP F 80 17.86 17.49 40.67
N TYR F 81 18.70 17.61 39.65
CA TYR F 81 20.15 17.50 39.80
C TYR F 81 20.80 18.83 40.18
N GLY F 82 20.01 19.86 40.47
CA GLY F 82 20.51 21.17 40.80
C GLY F 82 20.19 22.19 39.73
N SER F 83 20.37 23.46 40.10
CA SER F 83 20.09 24.55 39.19
C SER F 83 21.04 24.51 37.99
N PRO F 84 20.59 24.91 36.81
CA PRO F 84 21.46 24.89 35.63
C PRO F 84 22.54 25.95 35.75
N ILE F 85 23.78 25.54 35.48
CA ILE F 85 24.92 26.44 35.59
C ILE F 85 25.03 27.26 34.31
N SER F 86 25.12 28.57 34.46
CA SER F 86 25.22 29.48 33.33
C SER F 86 26.33 30.50 33.58
N ILE F 87 27.00 30.89 32.50
CA ILE F 87 28.11 31.83 32.59
C ILE F 87 28.01 32.86 31.47
N ASN F 88 29.09 33.62 31.26
CA ASN F 88 29.12 34.66 30.23
C ASN F 88 30.51 34.72 29.63
N TYR F 89 30.59 35.00 28.33
CA TYR F 89 31.86 35.09 27.64
C TYR F 89 31.71 36.02 26.43
N ARG F 90 32.82 36.65 26.06
CA ARG F 90 32.88 37.55 24.91
C ARG F 90 33.93 37.04 23.94
N THR F 91 33.53 36.85 22.69
CA THR F 91 34.43 36.33 21.65
C THR F 91 35.57 37.30 21.37
N ASN G 2 -1.13 -2.87 -46.41
CA ASN G 2 -1.82 -3.35 -45.22
C ASN G 2 -1.97 -2.29 -44.10
N PRO G 3 -0.86 -1.68 -43.65
CA PRO G 3 -0.98 -0.79 -42.49
C PRO G 3 -1.77 0.48 -42.79
N TYR G 4 -1.73 0.97 -44.04
CA TYR G 4 -2.57 2.09 -44.42
C TYR G 4 -4.01 1.67 -44.69
N ILE G 5 -4.28 0.38 -44.79
CA ILE G 5 -5.67 -0.10 -44.87
C ILE G 5 -6.35 0.00 -43.52
N TYR G 6 -5.69 -0.50 -42.47
CA TYR G 6 -6.25 -0.39 -41.13
C TYR G 6 -6.25 1.06 -40.66
N LEU G 7 -5.20 1.81 -40.98
CA LEU G 7 -5.24 3.25 -40.77
C LEU G 7 -6.39 3.88 -41.54
N GLY G 8 -6.54 3.49 -42.81
CA GLY G 8 -7.65 4.01 -43.60
C GLY G 8 -9.00 3.63 -43.03
N GLY G 9 -9.13 2.40 -42.53
CA GLY G 9 -10.36 1.97 -41.88
C GLY G 9 -10.62 2.59 -40.53
N ALA G 10 -9.60 3.22 -39.92
CA ALA G 10 -9.75 3.83 -38.61
C ALA G 10 -10.24 5.28 -38.69
N ILE G 11 -9.75 6.05 -39.66
CA ILE G 11 -10.33 7.37 -39.90
C ILE G 11 -11.77 7.23 -40.34
N LEU G 12 -12.07 6.20 -41.14
CA LEU G 12 -13.44 5.89 -41.49
C LEU G 12 -14.30 5.72 -40.25
N ALA G 13 -13.81 4.93 -39.28
CA ALA G 13 -14.60 4.67 -38.08
C ALA G 13 -14.77 5.92 -37.24
N GLU G 14 -13.70 6.70 -37.07
CA GLU G 14 -13.81 7.93 -36.28
C GLU G 14 -14.75 8.92 -36.93
N VAL G 15 -14.71 9.03 -38.26
CA VAL G 15 -15.62 9.92 -38.98
C VAL G 15 -17.06 9.48 -38.77
N ILE G 16 -17.32 8.18 -38.89
CA ILE G 16 -18.65 7.66 -38.58
C ILE G 16 -18.98 7.91 -37.11
N GLY G 17 -17.98 7.79 -36.24
CA GLY G 17 -18.21 7.97 -34.81
C GLY G 17 -18.65 9.38 -34.46
N THR G 18 -17.90 10.37 -34.93
CA THR G 18 -18.26 11.76 -34.66
C THR G 18 -19.64 12.09 -35.23
N THR G 19 -19.85 11.79 -36.50
CA THR G 19 -21.12 12.13 -37.15
C THR G 19 -22.30 11.40 -36.51
N LEU G 20 -22.08 10.16 -36.07
CA LEU G 20 -23.14 9.43 -35.36
C LEU G 20 -23.47 10.11 -34.04
N MET G 21 -22.45 10.59 -33.33
CA MET G 21 -22.68 11.31 -32.07
C MET G 21 -23.20 12.72 -32.30
N LYS G 22 -22.95 13.31 -33.47
CA LYS G 22 -23.50 14.62 -33.79
C LYS G 22 -25.01 14.65 -33.62
N PHE G 23 -25.68 13.51 -33.79
CA PHE G 23 -27.11 13.42 -33.60
C PHE G 23 -27.45 13.32 -32.12
N SER G 24 -27.71 12.09 -31.64
CA SER G 24 -28.10 11.76 -30.28
C SER G 24 -27.81 12.84 -29.25
N ASN G 25 -28.81 13.68 -28.96
CA ASN G 25 -28.66 14.81 -28.05
C ASN G 25 -28.21 14.38 -26.67
N GLY G 26 -26.99 14.76 -26.30
CA GLY G 26 -26.44 14.47 -24.98
C GLY G 26 -26.26 13.00 -24.65
N PHE G 27 -25.79 12.19 -25.61
CA PHE G 27 -25.50 10.78 -25.40
C PHE G 27 -26.74 9.95 -25.06
N THR G 28 -27.94 10.52 -25.20
CA THR G 28 -29.14 9.94 -24.61
C THR G 28 -29.82 8.90 -25.47
N ARG G 29 -29.70 8.97 -26.79
CA ARG G 29 -30.30 7.94 -27.63
C ARG G 29 -29.47 6.67 -27.60
N LEU G 30 -30.10 5.54 -27.24
CA LEU G 30 -29.35 4.31 -27.00
C LEU G 30 -28.62 3.83 -28.25
N ILE G 31 -29.33 3.78 -29.38
CA ILE G 31 -28.75 3.19 -30.59
C ILE G 31 -27.52 3.95 -31.07
N PRO G 32 -27.55 5.28 -31.25
CA PRO G 32 -26.30 5.96 -31.60
C PRO G 32 -25.29 6.02 -30.46
N SER G 33 -25.74 6.07 -29.21
CA SER G 33 -24.81 5.95 -28.09
C SER G 33 -24.14 4.58 -28.11
N MET G 34 -24.94 3.51 -28.22
CA MET G 34 -24.38 2.19 -28.45
C MET G 34 -23.66 2.08 -29.79
N GLY G 35 -23.87 3.03 -30.69
CA GLY G 35 -23.18 3.02 -31.97
C GLY G 35 -21.86 3.76 -31.92
N THR G 36 -21.83 4.89 -31.20
CA THR G 36 -20.59 5.65 -31.07
C THR G 36 -19.62 5.00 -30.09
N ILE G 37 -20.14 4.32 -29.07
CA ILE G 37 -19.27 3.57 -28.17
C ILE G 37 -18.62 2.41 -28.90
N ILE G 38 -19.36 1.77 -29.81
CA ILE G 38 -18.78 0.69 -30.61
C ILE G 38 -17.83 1.25 -31.67
N CYS G 39 -18.22 2.34 -32.32
CA CYS G 39 -17.36 2.95 -33.33
C CYS G 39 -16.04 3.41 -32.74
N TYR G 40 -16.08 4.05 -31.57
CA TYR G 40 -14.84 4.52 -30.95
C TYR G 40 -14.00 3.36 -30.44
N CYS G 41 -14.60 2.47 -29.66
CA CYS G 41 -13.85 1.32 -29.13
C CYS G 41 -13.16 0.53 -30.22
N ALA G 42 -13.77 0.45 -31.40
CA ALA G 42 -13.11 -0.21 -32.53
C ALA G 42 -11.98 0.65 -33.08
N SER G 43 -12.21 1.96 -33.22
CA SER G 43 -11.18 2.82 -33.77
C SER G 43 -10.00 2.97 -32.82
N PHE G 44 -10.23 2.84 -31.51
CA PHE G 44 -9.13 2.84 -30.57
C PHE G 44 -8.27 1.59 -30.72
N TRP G 45 -8.91 0.41 -30.77
CA TRP G 45 -8.17 -0.82 -30.97
C TRP G 45 -7.57 -0.91 -32.37
N LEU G 46 -8.10 -0.13 -33.32
CA LEU G 46 -7.49 -0.06 -34.64
C LEU G 46 -6.23 0.82 -34.60
N LEU G 47 -6.39 2.07 -34.19
CA LEU G 47 -5.27 3.00 -34.16
C LEU G 47 -4.12 2.48 -33.30
N ALA G 48 -4.44 1.78 -32.20
CA ALA G 48 -3.38 1.15 -31.42
C ALA G 48 -2.69 0.04 -32.20
N GLN G 49 -3.39 -0.57 -33.16
CA GLN G 49 -2.84 -1.66 -33.95
C GLN G 49 -2.34 -1.21 -35.31
N THR G 50 -2.95 -0.18 -35.92
CA THR G 50 -2.46 0.37 -37.17
C THR G 50 -1.45 1.49 -36.97
N LEU G 51 -0.83 1.55 -35.78
CA LEU G 51 0.26 2.47 -35.52
C LEU G 51 1.55 1.78 -35.10
N ALA G 52 1.49 0.49 -34.71
CA ALA G 52 2.71 -0.25 -34.41
C ALA G 52 3.65 -0.28 -35.60
N TYR G 53 3.10 -0.36 -36.81
CA TYR G 53 3.92 -0.33 -38.02
C TYR G 53 4.27 1.10 -38.38
N ILE G 54 3.28 1.84 -38.88
CA ILE G 54 3.49 3.20 -39.38
C ILE G 54 3.85 4.12 -38.22
N PRO G 55 4.91 4.93 -38.34
CA PRO G 55 5.31 5.80 -37.23
C PRO G 55 4.18 6.73 -36.79
N THR G 56 4.29 7.19 -35.54
CA THR G 56 3.25 7.99 -34.91
C THR G 56 2.92 9.23 -35.74
N GLY G 57 3.91 10.12 -35.94
CA GLY G 57 3.65 11.35 -36.65
C GLY G 57 3.20 11.16 -38.08
N ILE G 58 3.48 9.99 -38.66
CA ILE G 58 3.02 9.71 -40.01
C ILE G 58 1.54 9.38 -40.02
N ALA G 59 1.10 8.48 -39.14
CA ALA G 59 -0.31 8.11 -39.07
C ALA G 59 -1.17 9.30 -38.67
N TYR G 60 -0.64 10.19 -37.84
CA TYR G 60 -1.34 11.42 -37.48
C TYR G 60 -1.73 12.22 -38.72
N ALA G 61 -0.75 12.49 -39.59
CA ALA G 61 -1.00 13.29 -40.78
C ALA G 61 -2.05 12.63 -41.67
N ILE G 62 -1.86 11.35 -42.01
CA ILE G 62 -2.81 10.65 -42.86
C ILE G 62 -4.19 10.65 -42.22
N TRP G 63 -4.25 10.43 -40.91
CA TRP G 63 -5.52 10.50 -40.19
C TRP G 63 -6.16 11.88 -40.36
N SER G 64 -5.44 12.93 -39.95
CA SER G 64 -5.96 14.29 -40.06
C SER G 64 -6.41 14.60 -41.47
N GLY G 65 -5.58 14.27 -42.47
CA GLY G 65 -5.89 14.52 -43.85
C GLY G 65 -7.14 13.80 -44.32
N VAL G 66 -7.06 12.47 -44.39
CA VAL G 66 -8.19 11.66 -44.83
C VAL G 66 -9.38 11.74 -43.88
N GLY G 67 -9.19 12.26 -42.67
CA GLY G 67 -10.32 12.46 -41.78
C GLY G 67 -11.25 13.56 -42.27
N ILE G 68 -10.69 14.73 -42.56
CA ILE G 68 -11.50 15.86 -43.01
C ILE G 68 -11.82 15.73 -44.49
N VAL G 69 -10.93 15.10 -45.27
CA VAL G 69 -11.32 14.63 -46.60
C VAL G 69 -12.64 13.88 -46.50
N LEU G 70 -12.64 12.80 -45.71
CA LEU G 70 -13.84 11.97 -45.58
C LEU G 70 -14.98 12.68 -44.85
N ILE G 71 -14.65 13.56 -43.89
CA ILE G 71 -15.72 14.27 -43.18
C ILE G 71 -16.49 15.17 -44.13
N SER G 72 -15.79 16.03 -44.87
CA SER G 72 -16.47 16.89 -45.82
C SER G 72 -16.91 16.12 -47.06
N LEU G 73 -16.22 15.03 -47.40
CA LEU G 73 -16.68 14.14 -48.46
C LEU G 73 -18.05 13.57 -48.12
N LEU G 74 -18.24 13.16 -46.86
CA LEU G 74 -19.52 12.62 -46.43
C LEU G 74 -20.47 13.71 -45.96
N SER G 75 -19.97 14.89 -45.58
CA SER G 75 -20.80 15.98 -45.11
C SER G 75 -21.85 16.35 -46.15
N TRP G 76 -21.40 16.86 -47.29
CA TRP G 76 -22.33 17.16 -48.38
C TRP G 76 -22.65 15.94 -49.22
N GLY G 77 -22.25 14.74 -48.78
CA GLY G 77 -22.70 13.54 -49.45
C GLY G 77 -24.21 13.36 -49.36
N PHE G 78 -24.75 13.50 -48.15
CA PHE G 78 -26.20 13.43 -47.97
C PHE G 78 -26.68 14.13 -46.69
N PHE G 79 -25.91 15.04 -46.12
CA PHE G 79 -26.32 15.84 -44.98
C PHE G 79 -26.64 17.26 -45.50
N GLY G 80 -26.10 18.31 -44.91
CA GLY G 80 -26.32 19.66 -45.41
C GLY G 80 -25.27 20.07 -46.41
N ASP G 84 -17.33 27.50 -46.22
CA ASP G 84 -16.16 28.04 -46.90
C ASP G 84 -15.50 27.01 -47.80
N LEU G 85 -16.00 26.90 -49.04
CA LEU G 85 -15.44 25.99 -50.02
C LEU G 85 -14.61 26.78 -51.02
N PRO G 86 -13.28 26.80 -50.90
CA PRO G 86 -12.46 27.44 -51.95
C PRO G 86 -12.52 26.63 -53.23
N ALA G 87 -12.24 25.33 -53.10
CA ALA G 87 -12.37 24.34 -54.16
C ALA G 87 -12.03 22.98 -53.58
N ILE G 88 -12.00 21.95 -54.43
CA ILE G 88 -11.53 20.64 -54.00
C ILE G 88 -10.00 20.62 -54.13
N ILE G 89 -9.42 21.77 -54.48
CA ILE G 89 -7.97 21.90 -54.51
C ILE G 89 -7.39 21.60 -53.13
N GLY G 90 -8.12 21.96 -52.07
CA GLY G 90 -7.72 21.61 -50.72
C GLY G 90 -7.91 20.15 -50.39
N MET G 91 -8.75 19.45 -51.15
CA MET G 91 -8.90 18.01 -50.97
C MET G 91 -7.89 17.23 -51.80
N MET G 92 -7.58 17.71 -53.00
CA MET G 92 -6.66 16.99 -53.88
C MET G 92 -5.22 17.08 -53.40
N LEU G 93 -4.83 18.18 -52.75
CA LEU G 93 -3.46 18.28 -52.27
C LEU G 93 -3.25 17.58 -50.94
N ILE G 94 -4.33 17.29 -50.20
CA ILE G 94 -4.23 16.30 -49.14
C ILE G 94 -4.02 14.92 -49.74
N CYS G 95 -4.80 14.59 -50.77
CA CYS G 95 -4.55 13.37 -51.54
C CYS G 95 -3.11 13.34 -52.03
N ALA G 96 -2.58 14.50 -52.44
CA ALA G 96 -1.18 14.55 -52.89
C ALA G 96 -0.24 14.22 -51.73
N GLY G 97 -0.37 14.93 -50.62
CA GLY G 97 0.52 14.70 -49.49
C GLY G 97 0.33 13.34 -48.84
N VAL G 98 -0.91 12.83 -48.82
CA VAL G 98 -1.15 11.51 -48.27
C VAL G 98 -0.47 10.44 -49.12
N LEU G 99 -0.39 10.65 -50.43
CA LEU G 99 0.20 9.63 -51.30
C LEU G 99 1.72 9.61 -51.19
N ILE G 100 2.36 10.78 -51.11
CA ILE G 100 3.81 10.84 -51.08
C ILE G 100 4.32 10.50 -49.69
N ILE G 101 3.45 9.94 -48.86
CA ILE G 101 3.87 9.20 -47.67
C ILE G 101 3.57 7.72 -47.81
N ASN G 102 2.64 7.33 -48.68
CA ASN G 102 2.20 5.95 -48.79
C ASN G 102 3.34 5.06 -49.31
N LEU G 103 3.02 3.78 -49.50
CA LEU G 103 3.98 2.77 -49.93
C LEU G 103 4.69 3.16 -51.22
N SER H 3 -42.42 13.88 -26.66
CA SER H 3 -42.52 12.87 -27.71
C SER H 3 -42.40 11.47 -27.12
N VAL H 4 -41.28 11.21 -26.44
CA VAL H 4 -41.06 9.92 -25.80
C VAL H 4 -40.65 10.16 -24.35
N PRO H 5 -41.13 9.34 -23.39
CA PRO H 5 -42.00 8.18 -23.60
C PRO H 5 -43.46 8.56 -23.84
N THR H 6 -44.28 7.59 -24.23
CA THR H 6 -45.68 7.85 -24.58
C THR H 6 -46.54 6.70 -24.09
N LYS H 7 -47.77 7.03 -23.70
CA LYS H 7 -48.78 6.06 -23.31
C LYS H 7 -48.35 5.21 -22.11
N LEU H 8 -48.61 5.69 -20.90
CA LEU H 8 -48.29 4.98 -19.67
C LEU H 8 -49.58 4.46 -19.06
N GLU H 9 -49.71 3.14 -18.98
CA GLU H 9 -50.89 2.51 -18.39
C GLU H 9 -50.45 1.27 -17.62
N VAL H 10 -51.28 0.90 -16.64
CA VAL H 10 -50.98 -0.22 -15.76
C VAL H 10 -51.63 -1.48 -16.33
N VAL H 11 -50.79 -2.46 -16.69
CA VAL H 11 -51.27 -3.71 -17.25
C VAL H 11 -51.87 -4.56 -16.13
N ALA H 12 -51.01 -5.18 -15.33
CA ALA H 12 -51.43 -6.04 -14.24
C ALA H 12 -51.36 -5.27 -12.92
N ALA H 13 -52.18 -5.70 -11.95
CA ALA H 13 -52.28 -4.98 -10.70
C ALA H 13 -52.68 -5.95 -9.59
N THR H 14 -51.77 -6.20 -8.66
CA THR H 14 -51.86 -6.89 -7.39
C THR H 14 -51.87 -5.87 -6.26
N PRO H 15 -52.63 -6.11 -5.17
CA PRO H 15 -52.67 -5.12 -4.08
C PRO H 15 -51.33 -4.56 -3.62
N THR H 16 -50.22 -5.26 -3.92
CA THR H 16 -48.91 -4.82 -3.46
C THR H 16 -47.93 -4.56 -4.60
N SER H 17 -48.37 -4.61 -5.86
CA SER H 17 -47.43 -4.40 -6.95
C SER H 17 -48.19 -3.99 -8.21
N LEU H 18 -47.50 -3.24 -9.07
CA LEU H 18 -48.09 -2.71 -10.30
C LEU H 18 -47.10 -2.91 -11.44
N LEU H 19 -47.54 -3.58 -12.51
CA LEU H 19 -46.73 -3.78 -13.71
C LEU H 19 -47.17 -2.74 -14.74
N ILE H 20 -46.28 -1.82 -15.06
CA ILE H 20 -46.59 -0.71 -15.96
C ILE H 20 -45.87 -0.91 -17.28
N SER H 21 -46.23 -0.08 -18.26
CA SER H 21 -45.64 -0.15 -19.58
C SER H 21 -45.81 1.20 -20.27
N TRP H 22 -44.94 1.46 -21.24
CA TRP H 22 -44.99 2.68 -22.02
C TRP H 22 -44.40 2.41 -23.40
N ASP H 23 -44.69 3.32 -24.33
CA ASP H 23 -44.13 3.24 -25.68
C ASP H 23 -42.74 3.85 -25.66
N ALA H 24 -41.71 3.01 -25.74
CA ALA H 24 -40.32 3.46 -25.72
C ALA H 24 -39.92 4.28 -26.94
N GLY H 25 -40.84 4.65 -27.81
CA GLY H 25 -40.48 5.37 -29.03
C GLY H 25 -40.51 4.44 -30.24
N HIS H 26 -39.43 4.46 -31.01
CA HIS H 26 -39.38 3.67 -32.24
C HIS H 26 -37.93 3.72 -32.73
N TRP H 27 -37.12 2.77 -32.25
CA TRP H 27 -35.77 2.49 -32.76
C TRP H 27 -34.89 3.73 -32.71
N TRP H 28 -35.07 4.63 -33.66
CA TRP H 28 -34.23 5.81 -33.76
C TRP H 28 -34.58 6.88 -32.74
N GLU H 29 -35.71 6.76 -32.06
CA GLU H 29 -36.03 7.63 -30.93
C GLU H 29 -35.96 6.89 -29.60
N TRP H 30 -35.33 5.71 -29.59
CA TRP H 30 -35.05 5.01 -28.34
C TRP H 30 -34.00 5.77 -27.56
N VAL H 31 -34.34 6.15 -26.33
CA VAL H 31 -33.38 6.82 -25.45
C VAL H 31 -32.52 5.76 -24.78
N THR H 32 -31.52 6.19 -24.02
CA THR H 32 -30.68 5.24 -23.30
C THR H 32 -31.40 4.64 -22.10
N TYR H 33 -32.25 5.42 -21.43
CA TYR H 33 -32.88 4.94 -20.21
C TYR H 33 -34.11 5.78 -19.90
N TYR H 34 -35.06 5.16 -19.21
CA TYR H 34 -36.17 5.86 -18.56
C TYR H 34 -36.10 5.60 -17.08
N ARG H 35 -36.36 6.63 -16.28
CA ARG H 35 -36.40 6.48 -14.83
C ARG H 35 -37.85 6.57 -14.37
N ILE H 36 -38.25 5.64 -13.50
CA ILE H 36 -39.62 5.49 -13.06
C ILE H 36 -39.70 5.86 -11.59
N THR H 37 -40.67 6.70 -11.24
CA THR H 37 -40.82 7.24 -9.89
C THR H 37 -42.21 6.90 -9.38
N TYR H 38 -42.27 6.18 -8.24
CA TYR H 38 -43.53 5.86 -7.61
C TYR H 38 -43.49 6.23 -6.14
N GLY H 39 -44.50 6.97 -5.69
CA GLY H 39 -44.62 7.34 -4.30
C GLY H 39 -46.07 7.59 -3.96
N GLU H 40 -46.32 7.75 -2.66
CA GLU H 40 -47.69 7.93 -2.18
C GLU H 40 -48.30 9.18 -2.79
N THR H 41 -49.59 9.07 -3.15
CA THR H 41 -50.30 10.19 -3.75
C THR H 41 -50.50 11.35 -2.78
N GLY H 42 -50.31 11.12 -1.48
CA GLY H 42 -50.43 12.18 -0.51
C GLY H 42 -49.14 12.99 -0.37
N GLY H 43 -48.15 12.41 0.30
CA GLY H 43 -46.88 13.09 0.48
C GLY H 43 -46.36 13.05 1.90
N ASN H 44 -46.85 12.11 2.70
CA ASN H 44 -46.38 11.97 4.08
C ASN H 44 -44.92 11.56 4.13
N SER H 45 -44.44 10.85 3.11
CA SER H 45 -43.06 10.41 2.99
C SER H 45 -42.57 10.73 1.59
N PRO H 46 -41.26 10.64 1.35
CA PRO H 46 -40.76 10.80 -0.02
C PRO H 46 -41.25 9.70 -0.95
N VAL H 47 -40.88 9.76 -2.22
CA VAL H 47 -41.30 8.76 -3.19
C VAL H 47 -40.16 7.77 -3.39
N GLN H 48 -40.38 6.76 -4.24
CA GLN H 48 -39.35 5.81 -4.60
C GLN H 48 -39.06 5.95 -6.09
N GLU H 49 -37.85 5.57 -6.49
CA GLU H 49 -37.38 5.85 -7.84
C GLU H 49 -36.42 4.75 -8.30
N PHE H 50 -36.53 4.38 -9.58
CA PHE H 50 -35.57 3.49 -10.21
C PHE H 50 -35.49 3.83 -11.69
N THR H 51 -34.49 3.26 -12.35
CA THR H 51 -34.27 3.49 -13.77
C THR H 51 -34.33 2.17 -14.52
N VAL H 52 -34.75 2.25 -15.79
CA VAL H 52 -34.86 1.09 -16.67
C VAL H 52 -34.19 1.43 -17.99
N PRO H 53 -33.42 0.50 -18.58
CA PRO H 53 -32.77 0.79 -19.86
C PRO H 53 -33.78 1.19 -20.94
N GLY H 54 -33.28 1.94 -21.93
CA GLY H 54 -34.14 2.56 -22.93
C GLY H 54 -34.78 1.58 -23.90
N TYR H 55 -34.16 0.42 -24.13
CA TYR H 55 -34.76 -0.57 -25.00
C TYR H 55 -35.96 -1.26 -24.37
N SER H 56 -36.02 -1.29 -23.03
CA SER H 56 -37.13 -1.92 -22.33
C SER H 56 -38.29 -0.93 -22.18
N SER H 57 -39.51 -1.44 -22.35
CA SER H 57 -40.71 -0.62 -22.31
C SER H 57 -41.64 -0.97 -21.17
N THR H 58 -41.28 -1.92 -20.31
CA THR H 58 -42.09 -2.29 -19.15
C THR H 58 -41.21 -2.32 -17.91
N ALA H 59 -41.84 -2.15 -16.76
CA ALA H 59 -41.13 -2.17 -15.49
C ALA H 59 -42.07 -2.61 -14.38
N THR H 60 -41.56 -3.42 -13.47
CA THR H 60 -42.33 -3.90 -12.32
C THR H 60 -42.06 -3.03 -11.10
N ILE H 61 -43.12 -2.71 -10.36
CA ILE H 61 -43.04 -1.89 -9.16
C ILE H 61 -43.52 -2.74 -7.99
N SER H 62 -42.62 -3.05 -7.07
CA SER H 62 -42.90 -3.93 -5.95
C SER H 62 -42.86 -3.16 -4.63
N GLY H 63 -43.41 -3.79 -3.59
CA GLY H 63 -43.36 -3.24 -2.25
C GLY H 63 -44.32 -2.11 -2.00
N LEU H 64 -45.57 -2.28 -2.41
CA LEU H 64 -46.60 -1.26 -2.24
C LEU H 64 -47.58 -1.68 -1.15
N LYS H 65 -48.18 -0.67 -0.51
CA LYS H 65 -49.20 -0.93 0.51
C LYS H 65 -50.56 -1.07 -0.14
N PRO H 66 -51.34 -2.10 0.23
CA PRO H 66 -52.64 -2.30 -0.41
C PRO H 66 -53.62 -1.18 -0.09
N GLY H 67 -54.47 -0.88 -1.07
CA GLY H 67 -55.48 0.15 -0.93
C GLY H 67 -55.00 1.57 -1.14
N VAL H 68 -53.71 1.83 -0.99
CA VAL H 68 -53.18 3.19 -1.10
C VAL H 68 -53.12 3.58 -2.57
N ASP H 69 -53.60 4.77 -2.89
CA ASP H 69 -53.48 5.31 -4.24
C ASP H 69 -52.06 5.82 -4.46
N TYR H 70 -51.49 5.50 -5.60
CA TYR H 70 -50.12 5.87 -5.93
C TYR H 70 -50.07 6.69 -7.21
N THR H 71 -48.93 7.34 -7.43
CA THR H 71 -48.67 8.10 -8.64
C THR H 71 -47.34 7.64 -9.23
N ILE H 72 -47.35 7.31 -10.52
CA ILE H 72 -46.18 6.78 -11.20
C ILE H 72 -45.80 7.72 -12.35
N THR H 73 -44.51 8.00 -12.49
CA THR H 73 -44.00 8.88 -13.51
C THR H 73 -42.77 8.24 -14.17
N VAL H 74 -42.68 8.37 -15.50
CA VAL H 74 -41.59 7.82 -16.28
C VAL H 74 -40.89 8.97 -16.98
N TYR H 75 -39.66 9.26 -16.57
CA TYR H 75 -38.89 10.36 -17.15
C TYR H 75 -37.99 9.87 -18.27
N ALA H 76 -37.84 10.69 -19.29
CA ALA H 76 -36.81 10.51 -20.30
C ALA H 76 -35.45 10.80 -19.66
N PRO H 77 -34.34 10.49 -20.33
CA PRO H 77 -33.03 10.87 -19.77
C PRO H 77 -32.93 12.37 -19.56
N THR H 78 -33.47 13.14 -20.50
CA THR H 78 -33.48 14.60 -20.41
C THR H 78 -34.86 15.09 -20.82
N SER H 79 -35.13 16.36 -20.51
CA SER H 79 -36.43 16.95 -20.84
C SER H 79 -36.61 17.22 -22.32
N ASP H 80 -35.61 16.92 -23.15
CA ASP H 80 -35.69 17.24 -24.57
C ASP H 80 -36.66 16.33 -25.31
N TYR H 81 -36.88 15.12 -24.81
CA TYR H 81 -37.74 14.13 -25.47
C TYR H 81 -39.22 14.36 -25.21
N GLY H 82 -39.59 15.43 -24.52
CA GLY H 82 -40.97 15.71 -24.21
C GLY H 82 -41.23 15.64 -22.72
N SER H 83 -42.43 16.11 -22.34
CA SER H 83 -42.80 16.14 -20.94
C SER H 83 -42.94 14.72 -20.40
N PRO H 84 -42.59 14.49 -19.13
CA PRO H 84 -42.77 13.15 -18.56
C PRO H 84 -44.25 12.82 -18.39
N ILE H 85 -44.59 11.56 -18.65
CA ILE H 85 -45.97 11.09 -18.58
C ILE H 85 -46.24 10.54 -17.20
N SER H 86 -47.37 10.93 -16.61
CA SER H 86 -47.74 10.50 -15.27
C SER H 86 -49.22 10.13 -15.24
N ILE H 87 -49.55 9.11 -14.44
CA ILE H 87 -50.92 8.65 -14.29
C ILE H 87 -51.23 8.38 -12.83
N ASN H 88 -52.41 7.84 -12.55
CA ASN H 88 -52.81 7.51 -11.19
C ASN H 88 -53.49 6.15 -11.16
N TYR H 89 -53.23 5.39 -10.10
CA TYR H 89 -53.82 4.07 -9.95
C TYR H 89 -54.00 3.77 -8.47
N ARG H 90 -55.05 3.00 -8.16
CA ARG H 90 -55.33 2.57 -6.80
C ARG H 90 -55.28 1.05 -6.75
N THR H 91 -54.40 0.52 -5.91
CA THR H 91 -54.21 -0.93 -5.79
C THR H 91 -55.47 -1.63 -5.31
C14 KHJ I . 7.05 -6.54 30.22
N2 KHJ I . 7.06 -7.79 30.99
C12 KHJ I . 6.37 -8.88 30.54
C8 KHJ I . 6.27 -9.99 31.29
C4 KHJ I . 6.86 -10.07 32.59
C6 KHJ I . 7.62 -8.93 32.99
C10 KHJ I . 7.69 -7.84 32.20
C3 KHJ I . 6.58 -11.13 33.45
C5 KHJ I . 7.02 -11.13 34.81
C9 KHJ I . 6.56 -12.04 35.68
C7 KHJ I . 5.71 -12.20 33.09
C11 KHJ I . 5.28 -13.08 34.01
N1 KHJ I . 5.67 -13.00 35.31
C13 KHJ I . 5.06 -13.87 36.31
C14 KHJ J . -6.62 16.06 -36.82
N2 KHJ J . -6.86 14.78 -36.15
C12 KHJ J . -8.05 14.55 -35.53
C8 KHJ J . -8.24 13.48 -34.74
C4 KHJ J . -7.19 12.55 -34.50
C6 KHJ J . -5.98 12.80 -35.22
C10 KHJ J . -5.86 13.87 -36.02
C3 KHJ J . -7.26 11.59 -33.49
C5 KHJ J . -6.12 10.84 -33.07
C9 KHJ J . -6.20 10.01 -32.01
C7 KHJ J . -8.46 11.38 -32.74
C11 KHJ J . -8.47 10.53 -31.70
N1 KHJ J . -7.36 9.85 -31.30
C13 KHJ J . -7.39 9.00 -30.12
#